data_6PC0
#
_entry.id   6PC0
#
_cell.length_a   51.362
_cell.length_b   129.458
_cell.length_c   166.753
_cell.angle_alpha   90.00
_cell.angle_beta   90.00
_cell.angle_gamma   90.00
#
_symmetry.space_group_name_H-M   'P 21 21 21'
#
loop_
_entity.id
_entity.type
_entity.pdbx_description
1 polymer 'Guanosine pentaphosphate phosphohydrolase'
2 non-polymer 'SULFATE ION'
3 non-polymer 1,2-ETHANEDIOL
4 non-polymer D-MALATE
5 non-polymer '(2S)-2-hydroxybutanedioic acid'
6 water water
#
_entity_poly.entity_id   1
_entity_poly.type   'polypeptide(L)'
_entity_poly.pdbx_seq_one_letter_code
;MRGSHHHHHHGSAKITTVIDIGSNSVRLAVFKKTSQFGFYLLFETKSKVRISEGCYAFNGILQEIPMQRAVKALSEFKEI
ALKYKSKKILCVATSAVRDAPNRLEFVARVKKACGLQIKIIDGQKEALYGGIACANLLHKNSGITIDIGGGSTECALIEK
GKIKDLISLDVGTIRIKEMFLDKDLDVKLAKAFIQKEVSKLPFKHKNAFGVGGTIRALSKVLMKRFDYPIDSLHGYEIDA
HKNLAFIEKIVMLKEDQLRLLGVNEERLDSIRSGALILSVVLEHLKTSLMITSGVGVREGVFLSDLLRNHYHKFPPNINP
SLISLKDRFLPHEKHSQKVKKECVKLFEALSPLHKIDEKYLFHLKIAGELASMGKILSVYLAHKHSAYFILNALSYGFSH
QDRAIICLLAQFSHKKIPKDNAIAHMSAMMPSLLTLQWLSFILSLAENLCLTDSHHLKYTLEKNKLVIHSNDALYLAKEM
LPKLVKPIPLTIEFA
;
_entity_poly.pdbx_strand_id   A,B
#
loop_
_chem_comp.id
_chem_comp.type
_chem_comp.name
_chem_comp.formula
EDO non-polymer 1,2-ETHANEDIOL 'C2 H6 O2'
LMR non-polymer '(2S)-2-hydroxybutanedioic acid' 'C4 H6 O5'
MLT non-polymer D-MALATE 'C4 H6 O5'
SO4 non-polymer 'SULFATE ION' 'O4 S -2'
#
# COMPACT_ATOMS: atom_id res chain seq x y z
N ALA A 13 -5.01 23.39 -13.38
CA ALA A 13 -5.69 23.14 -12.11
C ALA A 13 -5.08 21.94 -11.39
N LYS A 14 -5.29 21.88 -10.08
CA LYS A 14 -4.85 20.73 -9.30
C LYS A 14 -5.62 19.48 -9.71
N ILE A 15 -6.94 19.62 -9.86
CA ILE A 15 -7.78 18.54 -10.36
C ILE A 15 -8.38 18.90 -11.72
N THR A 16 -8.14 18.05 -12.71
CA THR A 16 -8.66 18.27 -14.06
C THR A 16 -9.44 17.05 -14.48
N THR A 17 -10.67 17.24 -14.96
CA THR A 17 -11.46 16.11 -15.45
C THR A 17 -11.50 16.20 -16.96
N VAL A 18 -11.29 15.07 -17.65
CA VAL A 18 -11.36 15.05 -19.12
C VAL A 18 -12.44 14.06 -19.47
N ILE A 19 -13.38 14.49 -20.29
CA ILE A 19 -14.46 13.63 -20.71
C ILE A 19 -14.34 13.45 -22.21
N ASP A 20 -14.48 12.23 -22.72
CA ASP A 20 -14.49 12.10 -24.16
C ASP A 20 -15.65 11.25 -24.61
N ILE A 21 -16.30 11.75 -25.66
CA ILE A 21 -17.52 11.15 -26.17
C ILE A 21 -17.20 10.43 -27.47
N GLY A 22 -17.28 9.11 -27.43
CA GLY A 22 -16.98 8.29 -28.59
C GLY A 22 -18.22 7.73 -29.24
N SER A 23 -18.06 6.74 -30.11
CA SER A 23 -19.22 6.18 -30.79
C SER A 23 -20.01 5.25 -29.88
N ASN A 24 -19.28 4.35 -29.23
CA ASN A 24 -19.89 3.38 -28.31
C ASN A 24 -20.10 3.83 -26.85
N SER A 25 -19.19 4.66 -26.36
CA SER A 25 -19.28 5.01 -24.95
C SER A 25 -18.79 6.43 -24.69
N VAL A 26 -19.13 6.95 -23.52
CA VAL A 26 -18.58 8.19 -23.02
C VAL A 26 -17.69 7.84 -21.83
N ARG A 27 -16.53 8.49 -21.74
CA ARG A 27 -15.54 8.11 -20.73
C ARG A 27 -15.10 9.32 -19.93
N LEU A 28 -14.77 9.11 -18.65
CA LEU A 28 -14.32 10.21 -17.77
C LEU A 28 -13.03 9.82 -17.06
N ALA A 29 -12.08 10.74 -17.03
CA ALA A 29 -10.86 10.57 -16.24
C ALA A 29 -10.66 11.81 -15.41
N VAL A 30 -10.30 11.61 -14.14
CA VAL A 30 -9.97 12.72 -13.26
C VAL A 30 -8.48 12.59 -12.96
N PHE A 31 -7.74 13.65 -13.25
CA PHE A 31 -6.30 13.69 -13.06
C PHE A 31 -5.94 14.61 -11.92
N LYS A 32 -5.03 14.16 -11.05
CA LYS A 32 -4.52 15.02 -9.96
C LYS A 32 -3.06 15.41 -10.22
N LYS A 33 -2.82 16.70 -10.27
CA LYS A 33 -1.48 17.22 -10.53
C LYS A 33 -0.82 17.51 -9.17
N THR A 34 0.24 16.77 -8.84
CA THR A 34 0.88 16.87 -7.53
C THR A 34 2.06 17.86 -7.44
N SER A 35 2.55 18.31 -8.59
CA SER A 35 3.70 19.22 -8.67
C SER A 35 3.76 19.71 -10.12
N GLN A 36 4.82 20.42 -10.49
CA GLN A 36 4.86 20.98 -11.83
C GLN A 36 4.68 19.88 -12.89
N PHE A 37 5.50 18.83 -12.84
CA PHE A 37 5.31 17.70 -13.74
C PHE A 37 4.69 16.41 -13.20
N GLY A 38 4.46 16.29 -11.90
CA GLY A 38 3.92 15.04 -11.38
C GLY A 38 2.41 15.00 -11.49
N PHE A 39 1.85 13.86 -11.83
CA PHE A 39 0.41 13.71 -11.83
C PHE A 39 0.08 12.23 -11.79
N TYR A 40 -1.15 11.90 -11.41
CA TYR A 40 -1.61 10.52 -11.50
C TYR A 40 -3.08 10.51 -11.79
N LEU A 41 -3.56 9.36 -12.28
CA LEU A 41 -4.96 9.21 -12.61
C LEU A 41 -5.68 8.82 -11.34
N LEU A 42 -6.56 9.71 -10.90
CA LEU A 42 -7.29 9.58 -9.65
C LEU A 42 -8.57 8.74 -9.72
N PHE A 43 -9.34 8.93 -10.78
CA PHE A 43 -10.59 8.22 -10.93
C PHE A 43 -10.93 8.08 -12.40
N GLU A 44 -11.59 6.98 -12.76
CA GLU A 44 -12.14 6.92 -14.09
C GLU A 44 -13.40 6.07 -14.17
N THR A 45 -14.26 6.38 -15.13
CA THR A 45 -15.45 5.58 -15.31
C THR A 45 -15.93 5.72 -16.74
N LYS A 46 -16.80 4.81 -17.15
CA LYS A 46 -17.32 4.87 -18.51
C LYS A 46 -18.77 4.46 -18.52
N SER A 47 -19.49 4.89 -19.55
CA SER A 47 -20.86 4.50 -19.71
C SER A 47 -21.08 4.16 -21.17
N LYS A 48 -21.66 3.00 -21.47
CA LYS A 48 -21.72 2.73 -22.89
C LYS A 48 -23.10 3.12 -23.35
N VAL A 49 -23.15 4.35 -23.83
CA VAL A 49 -24.42 4.98 -24.14
C VAL A 49 -24.74 4.74 -25.58
N ARG A 50 -23.75 4.25 -26.32
CA ARG A 50 -23.89 4.00 -27.76
C ARG A 50 -24.62 5.13 -28.48
N ILE A 51 -24.03 6.31 -28.49
CA ILE A 51 -24.69 7.47 -29.05
C ILE A 51 -24.89 7.31 -30.56
N SER A 52 -24.11 6.42 -31.18
CA SER A 52 -24.19 6.26 -32.62
C SER A 52 -25.22 5.22 -33.04
N GLU A 53 -25.94 4.66 -32.08
CA GLU A 53 -26.84 3.55 -32.38
C GLU A 53 -27.82 3.90 -33.48
N GLY A 54 -27.85 3.07 -34.52
CA GLY A 54 -28.70 3.26 -35.69
C GLY A 54 -28.55 4.57 -36.43
N CYS A 55 -27.39 5.21 -36.33
CA CYS A 55 -27.27 6.52 -36.97
CA CYS A 55 -27.09 6.51 -36.92
C CYS A 55 -26.79 6.46 -38.42
N TYR A 56 -26.23 5.31 -38.84
N TYR A 56 -26.24 5.32 -38.86
CA TYR A 56 -25.68 5.20 -40.19
CA TYR A 56 -25.70 5.24 -40.21
C TYR A 56 -26.74 5.25 -41.29
C TYR A 56 -26.78 5.31 -41.28
N ALA A 57 -27.86 4.57 -41.07
CA ALA A 57 -28.96 4.56 -42.03
C ALA A 57 -29.59 5.94 -42.20
N PHE A 58 -29.42 6.75 -41.18
CA PHE A 58 -30.06 8.05 -41.04
C PHE A 58 -29.22 9.23 -41.52
N ASN A 59 -28.16 8.95 -42.28
CA ASN A 59 -27.20 9.97 -42.71
C ASN A 59 -26.36 10.49 -41.55
N GLY A 60 -26.15 9.64 -40.56
CA GLY A 60 -25.29 9.98 -39.44
C GLY A 60 -25.94 10.88 -38.41
N ILE A 61 -27.23 11.16 -38.58
CA ILE A 61 -27.95 11.97 -37.58
C ILE A 61 -28.12 11.15 -36.30
N LEU A 62 -27.68 11.72 -35.18
CA LEU A 62 -27.77 11.02 -33.89
C LEU A 62 -29.23 10.91 -33.48
N GLN A 63 -29.65 9.69 -33.17
CA GLN A 63 -31.05 9.41 -32.84
C GLN A 63 -31.45 9.89 -31.44
N GLU A 64 -32.75 10.02 -31.22
CA GLU A 64 -33.28 10.70 -30.04
C GLU A 64 -32.96 9.95 -28.74
N ILE A 65 -33.25 8.65 -28.70
CA ILE A 65 -33.04 7.86 -27.50
C ILE A 65 -31.55 7.75 -27.14
N PRO A 66 -30.69 7.48 -28.12
CA PRO A 66 -29.25 7.51 -27.83
C PRO A 66 -28.78 8.88 -27.33
N MET A 67 -29.25 9.98 -27.91
CA MET A 67 -28.87 11.29 -27.39
C MET A 67 -29.35 11.45 -25.95
N GLN A 68 -30.53 10.90 -25.64
CA GLN A 68 -31.05 11.04 -24.29
C GLN A 68 -30.16 10.28 -23.30
N ARG A 69 -29.74 9.08 -23.67
CA ARG A 69 -28.81 8.32 -22.83
C ARG A 69 -27.52 9.11 -22.61
N ALA A 70 -26.93 9.63 -23.69
CA ALA A 70 -25.69 10.40 -23.57
C ALA A 70 -25.84 11.61 -22.66
N VAL A 71 -26.97 12.31 -22.76
CA VAL A 71 -27.16 13.49 -21.95
C VAL A 71 -27.28 13.13 -20.46
N LYS A 72 -27.97 12.04 -20.15
CA LYS A 72 -28.12 11.61 -18.75
C LYS A 72 -26.76 11.21 -18.19
N ALA A 73 -25.99 10.47 -18.96
CA ALA A 73 -24.67 10.03 -18.50
C ALA A 73 -23.76 11.23 -18.33
N LEU A 74 -23.75 12.14 -19.30
CA LEU A 74 -22.86 13.28 -19.24
C LEU A 74 -23.22 14.18 -18.08
N SER A 75 -24.52 14.25 -17.76
CA SER A 75 -24.97 15.08 -16.65
C SER A 75 -24.37 14.57 -15.35
N GLU A 76 -24.36 13.26 -15.21
CA GLU A 76 -23.83 12.65 -14.00
C GLU A 76 -22.29 12.67 -13.99
N PHE A 77 -21.67 12.62 -15.17
CA PHE A 77 -20.24 12.82 -15.27
C PHE A 77 -19.86 14.22 -14.76
N LYS A 78 -20.67 15.22 -15.10
CA LYS A 78 -20.46 16.56 -14.58
C LYS A 78 -20.52 16.56 -13.05
N GLU A 79 -21.53 15.91 -12.50
CA GLU A 79 -21.65 15.82 -11.04
C GLU A 79 -20.41 15.20 -10.43
N ILE A 80 -19.90 14.14 -11.06
CA ILE A 80 -18.69 13.48 -10.56
C ILE A 80 -17.51 14.45 -10.61
N ALA A 81 -17.32 15.14 -11.74
CA ALA A 81 -16.26 16.13 -11.85
C ALA A 81 -16.30 17.13 -10.69
N LEU A 82 -17.49 17.58 -10.34
CA LEU A 82 -17.63 18.55 -9.25
C LEU A 82 -17.39 17.90 -7.88
N LYS A 83 -17.77 16.63 -7.73
CA LYS A 83 -17.56 15.88 -6.50
CA LYS A 83 -17.57 15.96 -6.44
C LYS A 83 -16.07 15.83 -6.16
N TYR A 84 -15.26 15.79 -7.21
CA TYR A 84 -13.80 15.73 -7.07
C TYR A 84 -13.19 17.14 -7.02
N LYS A 85 -14.03 18.16 -7.02
CA LYS A 85 -13.58 19.54 -6.95
C LYS A 85 -12.69 19.92 -8.13
N SER A 86 -13.03 19.43 -9.33
CA SER A 86 -12.27 19.74 -10.52
C SER A 86 -12.36 21.23 -10.83
N LYS A 87 -11.21 21.88 -11.00
CA LYS A 87 -11.21 23.30 -11.35
C LYS A 87 -11.16 23.52 -12.85
N LYS A 88 -10.91 22.45 -13.59
CA LYS A 88 -10.99 22.49 -15.05
C LYS A 88 -11.69 21.23 -15.55
N ILE A 89 -12.66 21.41 -16.43
CA ILE A 89 -13.36 20.28 -17.05
C ILE A 89 -13.27 20.41 -18.57
N LEU A 90 -12.67 19.41 -19.21
CA LEU A 90 -12.43 19.43 -20.65
C LEU A 90 -13.20 18.29 -21.30
N CYS A 91 -14.03 18.60 -22.28
N CYS A 91 -14.01 18.62 -22.28
CA CYS A 91 -14.87 17.59 -22.91
CA CYS A 91 -14.83 17.62 -22.95
C CYS A 91 -14.67 17.60 -24.42
C CYS A 91 -14.55 17.63 -24.43
N VAL A 92 -14.25 16.47 -24.98
CA VAL A 92 -14.09 16.37 -26.44
C VAL A 92 -14.99 15.31 -27.02
N ALA A 93 -15.39 15.51 -28.28
CA ALA A 93 -16.18 14.53 -28.99
C ALA A 93 -15.50 14.22 -30.31
N THR A 94 -15.65 12.98 -30.75
CA THR A 94 -14.87 12.36 -31.83
C THR A 94 -15.85 11.88 -32.90
N SER A 95 -15.42 10.91 -33.72
CA SER A 95 -16.07 10.62 -35.00
C SER A 95 -17.61 10.62 -35.06
N ALA A 96 -18.28 9.95 -34.12
CA ALA A 96 -19.74 9.85 -34.19
C ALA A 96 -20.41 11.22 -34.17
N VAL A 97 -19.97 12.07 -33.25
CA VAL A 97 -20.52 13.41 -33.13
C VAL A 97 -20.03 14.29 -34.27
N ARG A 98 -18.73 14.24 -34.55
CA ARG A 98 -18.10 14.95 -35.66
C ARG A 98 -18.86 14.78 -36.98
N ASP A 99 -19.26 13.54 -37.28
CA ASP A 99 -19.87 13.20 -38.55
C ASP A 99 -21.38 13.40 -38.59
N ALA A 100 -21.96 13.78 -37.45
CA ALA A 100 -23.42 13.95 -37.33
C ALA A 100 -23.88 15.30 -37.85
N PRO A 101 -24.83 15.31 -38.80
CA PRO A 101 -25.34 16.60 -39.29
C PRO A 101 -26.06 17.41 -38.21
N ASN A 102 -26.62 16.73 -37.19
CA ASN A 102 -27.26 17.38 -36.03
C ASN A 102 -26.32 17.59 -34.83
N ARG A 103 -25.01 17.45 -35.04
CA ARG A 103 -24.05 17.67 -33.96
C ARG A 103 -24.30 18.98 -33.20
N LEU A 104 -24.75 20.03 -33.88
CA LEU A 104 -25.05 21.26 -33.17
C LEU A 104 -26.22 21.09 -32.19
N GLU A 105 -27.26 20.35 -32.60
CA GLU A 105 -28.38 20.05 -31.72
C GLU A 105 -27.89 19.37 -30.44
N PHE A 106 -27.06 18.35 -30.63
CA PHE A 106 -26.58 17.57 -29.50
C PHE A 106 -25.71 18.40 -28.56
N VAL A 107 -24.78 19.18 -29.10
CA VAL A 107 -23.91 20.00 -28.26
C VAL A 107 -24.74 20.97 -27.42
N ALA A 108 -25.74 21.59 -28.04
CA ALA A 108 -26.60 22.54 -27.35
C ALA A 108 -27.43 21.85 -26.26
N ARG A 109 -27.90 20.63 -26.54
CA ARG A 109 -28.70 19.85 -25.61
CA ARG A 109 -28.70 19.90 -25.59
C ARG A 109 -27.88 19.53 -24.36
N VAL A 110 -26.62 19.19 -24.57
CA VAL A 110 -25.75 18.87 -23.43
C VAL A 110 -25.46 20.09 -22.60
N LYS A 111 -25.18 21.20 -23.27
CA LYS A 111 -24.90 22.43 -22.55
C LYS A 111 -26.13 22.84 -21.75
N LYS A 112 -27.32 22.61 -22.30
CA LYS A 112 -28.53 23.05 -21.61
C LYS A 112 -28.75 22.20 -20.37
N ALA A 113 -28.43 20.92 -20.46
CA ALA A 113 -28.70 20.02 -19.36
C ALA A 113 -27.70 20.25 -18.21
N CYS A 114 -26.45 19.87 -18.40
CA CYS A 114 -25.44 20.05 -17.34
C CYS A 114 -24.44 21.20 -17.41
N GLY A 115 -24.47 22.01 -18.47
CA GLY A 115 -23.50 23.08 -18.57
C GLY A 115 -22.19 22.69 -19.25
N LEU A 116 -22.00 21.39 -19.50
CA LEU A 116 -20.79 20.94 -20.20
CA LEU A 116 -20.81 20.93 -20.18
C LEU A 116 -20.70 21.54 -21.59
N GLN A 117 -19.53 22.04 -21.96
N GLN A 117 -19.53 22.03 -21.95
CA GLN A 117 -19.33 22.57 -23.30
CA GLN A 117 -19.32 22.57 -23.29
C GLN A 117 -18.46 21.64 -24.13
C GLN A 117 -18.45 21.63 -24.13
N ILE A 118 -19.08 20.93 -25.06
CA ILE A 118 -18.41 19.91 -25.84
C ILE A 118 -17.58 20.55 -26.96
N LYS A 119 -16.32 20.15 -27.06
CA LYS A 119 -15.46 20.57 -28.16
C LYS A 119 -15.35 19.44 -29.17
N ILE A 120 -15.91 19.64 -30.35
CA ILE A 120 -15.82 18.62 -31.39
C ILE A 120 -14.45 18.70 -32.03
N ILE A 121 -13.72 17.59 -32.06
CA ILE A 121 -12.37 17.59 -32.61
C ILE A 121 -12.30 16.75 -33.86
N ASP A 122 -11.47 17.11 -34.83
CA ASP A 122 -11.42 16.30 -36.03
C ASP A 122 -10.45 15.14 -35.84
N GLY A 123 -10.37 14.31 -36.87
CA GLY A 123 -9.62 13.06 -36.82
C GLY A 123 -8.15 13.28 -36.56
N GLN A 124 -7.60 14.31 -37.19
CA GLN A 124 -6.20 14.64 -36.98
C GLN A 124 -5.92 15.06 -35.54
N LYS A 125 -6.85 15.80 -34.94
CA LYS A 125 -6.67 16.27 -33.57
C LYS A 125 -6.78 15.09 -32.62
N GLU A 126 -7.72 14.20 -32.92
CA GLU A 126 -7.88 12.98 -32.13
C GLU A 126 -6.59 12.16 -32.18
N ALA A 127 -6.03 11.98 -33.37
CA ALA A 127 -4.72 11.33 -33.52
C ALA A 127 -3.63 12.07 -32.72
N LEU A 128 -3.64 13.39 -32.74
CA LEU A 128 -2.65 14.17 -32.01
C LEU A 128 -2.70 13.87 -30.51
N TYR A 129 -3.88 13.92 -29.92
CA TYR A 129 -4.00 13.70 -28.48
C TYR A 129 -3.50 12.32 -28.08
N GLY A 130 -3.91 11.31 -28.85
CA GLY A 130 -3.44 9.95 -28.62
C GLY A 130 -1.93 9.91 -28.71
N GLY A 131 -1.38 10.62 -29.69
CA GLY A 131 0.06 10.71 -29.87
C GLY A 131 0.84 11.36 -28.74
N ILE A 132 0.33 12.47 -28.24
CA ILE A 132 0.96 13.13 -27.11
C ILE A 132 1.06 12.19 -25.91
N ALA A 133 -0.01 11.45 -25.64
CA ALA A 133 0.00 10.48 -24.56
C ALA A 133 1.07 9.42 -24.76
N CYS A 134 1.07 8.77 -25.92
CA CYS A 134 2.02 7.69 -26.17
C CYS A 134 3.45 8.20 -26.26
N ALA A 135 3.61 9.44 -26.70
CA ALA A 135 4.94 10.04 -26.81
C ALA A 135 5.57 10.24 -25.44
N ASN A 136 4.77 10.66 -24.47
CA ASN A 136 5.22 10.87 -23.10
C ASN A 136 5.22 9.74 -22.06
N LEU A 137 4.20 8.89 -22.11
CA LEU A 137 3.89 8.00 -21.01
C LEU A 137 4.34 6.54 -21.14
N LEU A 138 5.03 6.18 -22.22
CA LEU A 138 5.47 4.79 -22.37
C LEU A 138 6.99 4.66 -22.31
N HIS A 139 7.50 3.45 -22.36
CA HIS A 139 8.93 3.23 -22.12
C HIS A 139 9.73 3.25 -23.42
N LYS A 140 9.03 3.39 -24.54
CA LYS A 140 9.65 3.75 -25.80
C LYS A 140 8.88 4.95 -26.31
N ASN A 141 9.59 5.96 -26.80
CA ASN A 141 8.94 7.10 -27.45
C ASN A 141 8.97 7.16 -28.99
N SER A 142 9.50 6.16 -29.68
CA SER A 142 9.45 6.17 -31.14
C SER A 142 8.56 5.04 -31.65
N GLY A 143 7.60 5.38 -32.50
CA GLY A 143 6.69 4.38 -33.02
C GLY A 143 5.44 5.00 -33.59
N ILE A 144 4.48 4.15 -33.96
CA ILE A 144 3.22 4.59 -34.55
C ILE A 144 2.06 4.17 -33.67
N THR A 145 1.23 5.11 -33.24
CA THR A 145 0.05 4.73 -32.47
C THR A 145 -0.99 4.08 -33.36
N ILE A 146 -1.75 3.16 -32.78
CA ILE A 146 -2.91 2.58 -33.43
C ILE A 146 -4.08 2.71 -32.46
N ASP A 147 -5.04 3.58 -32.77
CA ASP A 147 -6.18 3.76 -31.89
C ASP A 147 -7.43 3.30 -32.62
N ILE A 148 -7.93 2.13 -32.28
CA ILE A 148 -9.07 1.55 -33.00
C ILE A 148 -10.30 1.82 -32.18
N GLY A 149 -11.19 2.63 -32.73
CA GLY A 149 -12.46 2.91 -32.08
C GLY A 149 -13.65 2.30 -32.82
N GLY A 150 -14.85 2.70 -32.40
CA GLY A 150 -16.05 2.22 -33.07
C GLY A 150 -16.28 2.89 -34.40
N GLY A 151 -15.97 4.19 -34.47
CA GLY A 151 -16.19 4.95 -35.68
C GLY A 151 -15.00 5.31 -36.55
N SER A 152 -13.79 5.15 -36.03
CA SER A 152 -12.61 5.47 -36.81
C SER A 152 -11.37 4.85 -36.19
N THR A 153 -10.24 5.01 -36.87
CA THR A 153 -8.95 4.49 -36.43
C THR A 153 -7.89 5.54 -36.68
N GLU A 154 -7.17 5.94 -35.63
CA GLU A 154 -6.16 6.98 -35.76
C GLU A 154 -4.75 6.42 -35.62
N CYS A 155 -3.82 7.02 -36.36
CA CYS A 155 -2.41 6.68 -36.25
C CYS A 155 -1.56 7.94 -36.20
N ALA A 156 -0.63 7.99 -35.26
CA ALA A 156 0.30 9.09 -35.16
C ALA A 156 1.71 8.54 -35.22
N LEU A 157 2.57 9.19 -36.01
CA LEU A 157 3.99 8.82 -36.06
C LEU A 157 4.76 9.65 -35.06
N ILE A 158 5.48 8.97 -34.17
CA ILE A 158 6.27 9.64 -33.14
C ILE A 158 7.73 9.29 -33.26
N GLU A 159 8.60 10.30 -33.23
CA GLU A 159 10.04 10.08 -33.21
C GLU A 159 10.68 10.78 -32.03
N LYS A 160 11.28 9.98 -31.15
CA LYS A 160 11.90 10.47 -29.92
C LYS A 160 10.99 11.44 -29.17
N GLY A 161 9.73 11.06 -28.96
CA GLY A 161 8.81 11.87 -28.17
C GLY A 161 8.15 13.03 -28.89
N LYS A 162 8.51 13.23 -30.15
CA LYS A 162 7.92 14.31 -30.94
C LYS A 162 7.03 13.76 -32.06
N ILE A 163 5.90 14.41 -32.29
CA ILE A 163 4.95 13.92 -33.28
C ILE A 163 5.26 14.44 -34.69
N LYS A 164 5.59 13.51 -35.57
CA LYS A 164 5.91 13.78 -36.97
C LYS A 164 4.74 13.87 -37.95
N ASP A 165 3.77 12.98 -37.82
CA ASP A 165 2.67 12.88 -38.79
C ASP A 165 1.39 12.30 -38.17
N LEU A 166 0.23 12.62 -38.75
CA LEU A 166 -1.06 12.25 -38.19
C LEU A 166 -2.05 11.84 -39.27
N ILE A 167 -2.78 10.75 -39.05
CA ILE A 167 -3.84 10.36 -39.97
C ILE A 167 -5.04 9.71 -39.27
N SER A 168 -6.22 9.98 -39.79
CA SER A 168 -7.45 9.36 -39.29
C SER A 168 -8.14 8.55 -40.38
N LEU A 169 -8.19 7.25 -40.16
CA LEU A 169 -8.80 6.35 -41.15
C LEU A 169 -10.29 6.27 -40.92
N ASP A 170 -11.04 6.15 -42.00
CA ASP A 170 -12.51 6.06 -41.95
C ASP A 170 -12.93 4.60 -41.82
N VAL A 171 -12.40 3.89 -40.84
CA VAL A 171 -12.68 2.45 -40.58
C VAL A 171 -12.74 2.27 -39.08
N GLY A 172 -13.81 1.64 -38.65
CA GLY A 172 -14.04 1.40 -37.23
C GLY A 172 -14.76 0.09 -37.01
N THR A 173 -14.85 -0.36 -35.77
CA THR A 173 -15.39 -1.68 -35.47
CA THR A 173 -15.38 -1.68 -35.48
C THR A 173 -16.88 -1.79 -35.74
N ILE A 174 -17.60 -0.67 -35.63
CA ILE A 174 -19.04 -0.71 -35.83
C ILE A 174 -19.40 -1.07 -37.27
N ARG A 175 -18.85 -0.29 -38.21
N ARG A 175 -18.86 -0.32 -38.23
CA ARG A 175 -19.14 -0.47 -39.63
CA ARG A 175 -19.22 -0.53 -39.63
C ARG A 175 -18.64 -1.80 -40.18
C ARG A 175 -18.62 -1.81 -40.22
N ILE A 176 -17.53 -2.30 -39.63
CA ILE A 176 -16.95 -3.56 -40.09
C ILE A 176 -17.73 -4.73 -39.54
N LYS A 177 -18.34 -4.55 -38.38
CA LYS A 177 -19.26 -5.54 -37.84
C LYS A 177 -20.55 -5.53 -38.66
N GLU A 178 -21.03 -4.33 -38.99
CA GLU A 178 -22.20 -4.16 -39.85
C GLU A 178 -22.03 -4.83 -41.19
N MET A 179 -21.13 -4.29 -41.99
CA MET A 179 -20.94 -4.69 -43.38
C MET A 179 -20.59 -6.16 -43.59
N PHE A 180 -19.78 -6.72 -42.70
CA PHE A 180 -19.18 -8.02 -42.97
C PHE A 180 -19.50 -9.09 -41.94
N LEU A 181 -19.09 -8.94 -40.69
CA LEU A 181 -19.38 -10.02 -39.72
C LEU A 181 -20.89 -10.21 -39.50
N VAL A 187 -13.84 -13.29 -44.62
CA VAL A 187 -12.83 -12.55 -43.84
C VAL A 187 -12.00 -11.87 -44.92
N LYS A 188 -11.82 -12.58 -46.02
CA LYS A 188 -11.15 -12.10 -47.22
C LYS A 188 -11.83 -10.85 -47.77
N LEU A 189 -13.13 -10.71 -47.51
CA LEU A 189 -13.89 -9.56 -48.00
C LEU A 189 -13.69 -8.35 -47.09
N ALA A 190 -14.11 -8.48 -45.84
CA ALA A 190 -13.96 -7.42 -44.85
C ALA A 190 -12.53 -6.89 -44.86
N LYS A 191 -11.58 -7.82 -44.81
CA LYS A 191 -10.17 -7.49 -44.87
C LYS A 191 -9.85 -6.66 -46.11
N ALA A 192 -10.53 -6.97 -47.21
CA ALA A 192 -10.32 -6.26 -48.47
C ALA A 192 -10.77 -4.80 -48.37
N PHE A 193 -11.89 -4.57 -47.69
CA PHE A 193 -12.40 -3.22 -47.50
C PHE A 193 -11.46 -2.42 -46.60
N ILE A 194 -11.12 -3.01 -45.45
CA ILE A 194 -10.20 -2.38 -44.50
C ILE A 194 -8.91 -1.96 -45.18
N GLN A 195 -8.31 -2.89 -45.91
CA GLN A 195 -7.06 -2.65 -46.63
C GLN A 195 -7.13 -1.39 -47.49
N LYS A 196 -8.31 -1.13 -48.04
CA LYS A 196 -8.51 0.04 -48.89
C LYS A 196 -8.20 1.31 -48.10
N GLU A 197 -8.70 1.37 -46.87
CA GLU A 197 -8.45 2.51 -46.03
C GLU A 197 -7.02 2.49 -45.48
N VAL A 198 -6.58 1.32 -45.06
CA VAL A 198 -5.26 1.19 -44.42
C VAL A 198 -4.12 1.56 -45.35
N SER A 199 -4.29 1.30 -46.64
CA SER A 199 -3.26 1.63 -47.62
C SER A 199 -2.92 3.13 -47.58
N LYS A 200 -3.84 3.92 -47.05
CA LYS A 200 -3.65 5.37 -46.94
C LYS A 200 -2.63 5.76 -45.86
N LEU A 201 -2.17 4.79 -45.07
CA LEU A 201 -1.13 5.10 -44.08
C LEU A 201 0.21 5.30 -44.77
N PRO A 202 0.72 6.53 -44.70
CA PRO A 202 1.96 6.99 -45.33
C PRO A 202 3.24 6.41 -44.74
N PHE A 203 3.17 5.82 -43.54
CA PHE A 203 4.37 5.47 -42.80
C PHE A 203 4.47 4.02 -42.33
N LYS A 204 5.68 3.65 -41.89
CA LYS A 204 5.96 2.36 -41.28
C LYS A 204 6.97 2.51 -40.14
N HIS A 205 6.92 1.60 -39.17
CA HIS A 205 7.85 1.60 -38.06
C HIS A 205 7.91 0.21 -37.44
N LYS A 206 9.02 -0.09 -36.76
CA LYS A 206 9.13 -1.36 -36.04
C LYS A 206 8.22 -1.38 -34.81
N ASN A 207 7.92 -0.20 -34.26
CA ASN A 207 7.11 -0.11 -33.04
C ASN A 207 5.71 0.40 -33.31
N ALA A 208 4.73 -0.22 -32.65
CA ALA A 208 3.37 0.31 -32.62
C ALA A 208 2.94 0.47 -31.17
N PHE A 209 2.15 1.51 -30.89
CA PHE A 209 1.55 1.69 -29.58
C PHE A 209 0.06 1.43 -29.69
N GLY A 210 -0.41 0.31 -29.14
CA GLY A 210 -1.82 -0.01 -29.17
C GLY A 210 -2.65 0.82 -28.21
N VAL A 211 -3.64 1.52 -28.73
CA VAL A 211 -4.44 2.44 -27.93
C VAL A 211 -5.91 2.08 -28.01
N GLY A 212 -6.63 2.22 -26.91
CA GLY A 212 -8.07 2.05 -26.91
C GLY A 212 -8.52 0.72 -26.33
N GLY A 213 -9.77 0.67 -25.90
CA GLY A 213 -10.25 -0.46 -25.13
C GLY A 213 -10.34 -1.72 -25.98
N THR A 214 -10.55 -1.55 -27.26
CA THR A 214 -10.64 -2.71 -28.15
C THR A 214 -9.26 -3.36 -28.20
N ILE A 215 -8.21 -2.57 -28.39
CA ILE A 215 -6.88 -3.17 -28.41
C ILE A 215 -6.46 -3.66 -27.03
N ARG A 216 -6.84 -2.95 -25.97
CA ARG A 216 -6.55 -3.43 -24.63
C ARG A 216 -7.20 -4.79 -24.35
N ALA A 217 -8.40 -5.00 -24.87
CA ALA A 217 -9.11 -6.28 -24.67
C ALA A 217 -8.37 -7.41 -25.35
N LEU A 218 -7.91 -7.16 -26.57
CA LEU A 218 -7.12 -8.13 -27.32
C LEU A 218 -5.80 -8.42 -26.59
N SER A 219 -5.22 -7.38 -25.99
CA SER A 219 -3.96 -7.54 -25.24
C SER A 219 -4.14 -8.35 -23.97
N LYS A 220 -5.30 -8.22 -23.32
CA LYS A 220 -5.56 -9.02 -22.12
C LYS A 220 -5.61 -10.49 -22.49
N VAL A 221 -6.23 -10.78 -23.64
CA VAL A 221 -6.36 -12.16 -24.12
C VAL A 221 -4.98 -12.79 -24.30
N LEU A 222 -4.07 -12.04 -24.88
CA LEU A 222 -2.70 -12.52 -25.11
C LEU A 222 -1.90 -12.62 -23.82
N MET A 223 -2.21 -11.77 -22.85
CA MET A 223 -1.49 -11.77 -21.58
C MET A 223 -1.94 -12.92 -20.68
N LYS A 224 -3.23 -13.23 -20.75
CA LYS A 224 -3.80 -14.31 -19.95
C LYS A 224 -3.28 -15.64 -20.44
N ARG A 225 -3.14 -15.77 -21.76
CA ARG A 225 -2.73 -17.00 -22.40
C ARG A 225 -1.23 -17.29 -22.28
N PHE A 226 -0.45 -16.27 -21.98
CA PHE A 226 0.99 -16.46 -21.75
C PHE A 226 1.37 -16.57 -20.27
N ASP A 227 0.39 -16.48 -19.38
CA ASP A 227 0.64 -16.55 -17.93
C ASP A 227 1.61 -15.47 -17.46
N TYR A 228 1.18 -14.21 -17.52
CA TYR A 228 2.05 -13.08 -17.22
C TYR A 228 1.99 -12.70 -15.74
N PRO A 229 3.17 -12.65 -15.08
CA PRO A 229 3.31 -12.36 -13.64
C PRO A 229 2.95 -10.91 -13.26
N ILE A 230 2.89 -10.01 -14.23
CA ILE A 230 2.53 -8.61 -13.98
C ILE A 230 1.11 -8.29 -14.48
N ASP A 231 0.36 -7.52 -13.69
CA ASP A 231 -1.04 -7.24 -13.97
C ASP A 231 -1.28 -6.16 -15.03
N SER A 232 -0.43 -5.13 -15.03
CA SER A 232 -0.67 -3.96 -15.87
C SER A 232 -0.66 -4.28 -17.37
N LEU A 233 -1.65 -3.74 -18.08
CA LEU A 233 -1.69 -3.78 -19.53
C LEU A 233 -0.72 -2.77 -20.09
N HIS A 234 -0.57 -1.67 -19.36
CA HIS A 234 0.19 -0.55 -19.88
C HIS A 234 1.66 -0.90 -19.95
N GLY A 235 2.24 -0.75 -21.14
CA GLY A 235 3.62 -1.13 -21.38
C GLY A 235 3.82 -2.61 -21.72
N TYR A 236 2.75 -3.40 -21.69
CA TYR A 236 2.87 -4.80 -22.07
C TYR A 236 3.34 -4.96 -23.52
N GLU A 237 4.42 -5.70 -23.72
CA GLU A 237 5.01 -5.84 -25.06
C GLU A 237 4.53 -7.11 -25.76
N ILE A 238 4.11 -6.94 -27.00
CA ILE A 238 3.64 -8.03 -27.84
C ILE A 238 4.48 -8.18 -29.11
N ASP A 239 4.88 -9.41 -29.40
CA ASP A 239 5.62 -9.68 -30.62
C ASP A 239 4.60 -9.72 -31.74
N ALA A 240 4.72 -8.79 -32.68
CA ALA A 240 3.67 -8.60 -33.66
C ALA A 240 3.64 -9.73 -34.67
N HIS A 241 4.82 -10.23 -35.03
CA HIS A 241 4.89 -11.32 -36.00
C HIS A 241 4.39 -12.63 -35.39
N LYS A 242 4.89 -12.96 -34.21
CA LYS A 242 4.53 -14.20 -33.54
C LYS A 242 3.04 -14.31 -33.23
N ASN A 243 2.42 -13.20 -32.87
CA ASN A 243 1.02 -13.21 -32.43
C ASN A 243 -0.03 -12.88 -33.50
N LEU A 244 0.41 -12.57 -34.72
CA LEU A 244 -0.50 -12.16 -35.79
C LEU A 244 -1.53 -13.25 -36.14
N ALA A 245 -1.08 -14.50 -36.10
CA ALA A 245 -1.95 -15.62 -36.45
C ALA A 245 -3.11 -15.69 -35.47
N PHE A 246 -2.79 -15.61 -34.18
CA PHE A 246 -3.81 -15.72 -33.14
C PHE A 246 -4.74 -14.51 -33.13
N ILE A 247 -4.19 -13.33 -33.36
CA ILE A 247 -5.04 -12.16 -33.59
C ILE A 247 -6.02 -12.41 -34.74
N GLU A 248 -5.54 -12.95 -35.85
CA GLU A 248 -6.43 -13.24 -36.96
C GLU A 248 -7.42 -14.34 -36.58
N LYS A 249 -7.01 -15.23 -35.68
CA LYS A 249 -7.88 -16.32 -35.25
C LYS A 249 -9.10 -15.78 -34.53
N ILE A 250 -8.85 -14.84 -33.61
CA ILE A 250 -9.90 -14.29 -32.76
C ILE A 250 -11.10 -13.81 -33.57
N VAL A 251 -10.84 -13.31 -34.78
CA VAL A 251 -11.86 -12.79 -35.68
C VAL A 251 -12.91 -13.82 -36.02
N MET A 252 -12.50 -15.07 -36.12
CA MET A 252 -13.39 -16.14 -36.58
C MET A 252 -14.03 -16.89 -35.42
N LEU A 253 -13.68 -16.51 -34.19
CA LEU A 253 -14.21 -17.23 -33.04
C LEU A 253 -15.67 -16.91 -32.83
N LYS A 254 -16.43 -17.92 -32.40
CA LYS A 254 -17.81 -17.74 -32.00
C LYS A 254 -17.82 -17.06 -30.64
N GLU A 255 -18.93 -16.40 -30.31
CA GLU A 255 -19.06 -15.67 -29.05
C GLU A 255 -18.69 -16.51 -27.84
N ASP A 256 -19.06 -17.77 -27.87
CA ASP A 256 -18.84 -18.66 -26.74
C ASP A 256 -17.36 -18.80 -26.43
N GLN A 257 -16.55 -18.98 -27.47
CA GLN A 257 -15.12 -19.13 -27.32
C GLN A 257 -14.46 -17.85 -26.81
N LEU A 258 -14.84 -16.71 -27.40
CA LEU A 258 -14.37 -15.41 -26.94
C LEU A 258 -14.62 -15.25 -25.45
N ARG A 259 -15.82 -15.62 -25.01
CA ARG A 259 -16.18 -15.55 -23.60
C ARG A 259 -15.24 -16.37 -22.73
N LEU A 260 -14.79 -17.51 -23.26
CA LEU A 260 -13.89 -18.38 -22.52
C LEU A 260 -12.49 -17.78 -22.43
N LEU A 261 -12.11 -17.04 -23.48
CA LEU A 261 -10.80 -16.40 -23.54
C LEU A 261 -10.69 -15.23 -22.58
N GLY A 262 -11.81 -14.89 -21.94
CA GLY A 262 -11.82 -13.85 -20.92
C GLY A 262 -12.42 -12.52 -21.36
N VAL A 263 -12.83 -12.43 -22.63
CA VAL A 263 -13.39 -11.20 -23.15
C VAL A 263 -14.67 -10.82 -22.40
N ASN A 264 -14.71 -9.60 -21.89
CA ASN A 264 -15.87 -9.09 -21.17
C ASN A 264 -17.08 -9.00 -22.07
N GLU A 265 -18.26 -9.04 -21.44
CA GLU A 265 -19.52 -9.10 -22.15
C GLU A 265 -19.72 -7.91 -23.08
N GLU A 266 -19.36 -6.71 -22.61
CA GLU A 266 -19.59 -5.49 -23.37
C GLU A 266 -18.69 -5.42 -24.60
N ARG A 267 -17.57 -6.15 -24.59
CA ARG A 267 -16.63 -5.97 -25.72
C ARG A 267 -16.77 -7.02 -26.80
N LEU A 268 -17.68 -7.96 -26.65
CA LEU A 268 -17.83 -9.01 -27.65
C LEU A 268 -18.22 -8.48 -29.03
N ASP A 269 -18.97 -7.39 -29.08
CA ASP A 269 -19.43 -6.86 -30.36
C ASP A 269 -18.28 -6.29 -31.19
N SER A 270 -17.37 -5.59 -30.53
CA SER A 270 -16.25 -4.96 -31.25
C SER A 270 -14.93 -5.74 -31.34
N ILE A 271 -14.77 -6.83 -30.59
CA ILE A 271 -13.42 -7.41 -30.46
C ILE A 271 -13.05 -8.19 -31.71
N ARG A 272 -14.04 -8.79 -32.36
CA ARG A 272 -13.76 -9.50 -33.61
C ARG A 272 -13.40 -8.54 -34.75
N SER A 273 -14.19 -7.50 -34.95
CA SER A 273 -13.91 -6.60 -36.05
C SER A 273 -12.66 -5.79 -35.69
N GLY A 274 -12.44 -5.59 -34.40
CA GLY A 274 -11.26 -4.89 -33.93
C GLY A 274 -10.01 -5.69 -34.26
N ALA A 275 -10.04 -6.98 -33.90
CA ALA A 275 -8.95 -7.89 -34.24
C ALA A 275 -8.65 -7.87 -35.73
N LEU A 276 -9.68 -7.81 -36.57
CA LEU A 276 -9.49 -7.79 -38.02
C LEU A 276 -8.78 -6.52 -38.48
N ILE A 277 -9.25 -5.38 -38.01
CA ILE A 277 -8.61 -4.11 -38.35
C ILE A 277 -7.15 -4.11 -37.91
N LEU A 278 -6.91 -4.56 -36.68
CA LEU A 278 -5.57 -4.52 -36.09
C LEU A 278 -4.59 -5.33 -36.92
N SER A 279 -5.00 -6.53 -37.31
CA SER A 279 -4.15 -7.40 -38.12
C SER A 279 -3.78 -6.76 -39.45
N VAL A 280 -4.75 -6.09 -40.08
CA VAL A 280 -4.48 -5.41 -41.34
C VAL A 280 -3.50 -4.26 -41.14
N VAL A 281 -3.69 -3.48 -40.07
CA VAL A 281 -2.81 -2.35 -39.80
C VAL A 281 -1.39 -2.80 -39.48
N LEU A 282 -1.26 -3.78 -38.61
CA LEU A 282 0.05 -4.27 -38.19
C LEU A 282 0.85 -4.73 -39.39
N GLU A 283 0.20 -5.47 -40.28
CA GLU A 283 0.84 -5.95 -41.50
C GLU A 283 1.31 -4.81 -42.37
N HIS A 284 0.44 -3.81 -42.56
CA HIS A 284 0.80 -2.69 -43.41
C HIS A 284 1.94 -1.85 -42.82
N LEU A 285 1.91 -1.63 -41.51
CA LEU A 285 2.94 -0.82 -40.85
C LEU A 285 4.28 -1.54 -40.75
N LYS A 286 4.26 -2.85 -40.99
CA LYS A 286 5.44 -3.71 -40.81
C LYS A 286 5.91 -3.76 -39.35
N THR A 287 4.97 -3.66 -38.42
CA THR A 287 5.26 -3.67 -36.98
C THR A 287 5.93 -4.94 -36.49
N SER A 288 7.09 -4.85 -35.83
CA SER A 288 7.57 -6.03 -35.10
C SER A 288 7.26 -6.05 -33.61
N LEU A 289 6.93 -4.90 -33.03
CA LEU A 289 6.70 -4.84 -31.60
C LEU A 289 5.50 -3.95 -31.34
N MET A 290 4.49 -4.48 -30.67
CA MET A 290 3.40 -3.62 -30.23
C MET A 290 3.45 -3.48 -28.73
N ILE A 291 3.42 -2.23 -28.27
CA ILE A 291 3.35 -1.94 -26.87
C ILE A 291 1.94 -1.53 -26.55
N THR A 292 1.30 -2.31 -25.70
CA THR A 292 -0.05 -1.99 -25.24
C THR A 292 -0.02 -0.71 -24.42
N SER A 293 -0.89 0.23 -24.76
CA SER A 293 -0.96 1.47 -24.00
C SER A 293 -2.20 1.49 -23.13
N GLY A 294 -2.05 1.94 -21.88
CA GLY A 294 -3.20 2.18 -21.03
C GLY A 294 -3.63 3.64 -21.09
N VAL A 295 -3.00 4.40 -21.99
CA VAL A 295 -3.30 5.83 -22.10
C VAL A 295 -3.72 6.13 -23.54
N GLY A 296 -4.29 7.31 -23.75
CA GLY A 296 -4.96 7.63 -24.99
C GLY A 296 -5.39 9.07 -25.03
N VAL A 297 -6.40 9.36 -25.83
CA VAL A 297 -6.88 10.71 -26.01
C VAL A 297 -7.07 11.48 -24.70
N ARG A 298 -7.68 10.88 -23.68
CA ARG A 298 -7.92 11.63 -22.44
C ARG A 298 -6.61 12.12 -21.79
N GLU A 299 -5.62 11.24 -21.68
CA GLU A 299 -4.32 11.66 -21.15
C GLU A 299 -3.68 12.71 -22.07
N GLY A 300 -3.90 12.57 -23.36
CA GLY A 300 -3.32 13.52 -24.31
C GLY A 300 -3.89 14.92 -24.17
N VAL A 301 -5.21 15.02 -23.99
CA VAL A 301 -5.85 16.29 -23.72
C VAL A 301 -5.27 16.92 -22.45
N PHE A 302 -5.17 16.13 -21.38
CA PHE A 302 -4.57 16.61 -20.14
C PHE A 302 -3.14 17.09 -20.33
N LEU A 303 -2.31 16.27 -20.97
CA LEU A 303 -0.90 16.63 -21.17
C LEU A 303 -0.75 17.84 -22.09
N SER A 304 -1.69 18.03 -23.03
CA SER A 304 -1.65 19.22 -23.88
C SER A 304 -1.65 20.48 -23.02
N ASP A 305 -2.44 20.46 -21.95
CA ASP A 305 -2.48 21.57 -21.02
C ASP A 305 -1.24 21.58 -20.13
N LEU A 306 -0.92 20.43 -19.53
CA LEU A 306 0.21 20.34 -18.61
C LEU A 306 1.52 20.78 -19.26
N LEU A 307 1.75 20.30 -20.47
CA LEU A 307 2.98 20.52 -21.22
C LEU A 307 2.93 21.65 -22.24
N ARG A 308 1.88 22.45 -22.22
CA ARG A 308 1.72 23.50 -23.22
C ARG A 308 2.95 24.41 -23.35
N ASN A 309 3.64 24.67 -22.25
CA ASN A 309 4.83 25.54 -22.31
C ASN A 309 6.12 24.75 -22.53
N HIS A 310 6.01 23.43 -22.46
CA HIS A 310 7.13 22.50 -22.67
C HIS A 310 7.24 21.77 -24.03
N TYR A 311 6.43 22.19 -25.00
CA TYR A 311 6.46 21.58 -26.33
C TYR A 311 5.93 20.15 -26.28
N HIS A 312 4.96 19.92 -25.40
CA HIS A 312 4.23 18.64 -25.36
C HIS A 312 5.12 17.44 -25.06
N LYS A 313 6.25 17.70 -24.42
CA LYS A 313 7.14 16.61 -24.02
C LYS A 313 7.76 16.93 -22.66
N PHE A 314 7.81 15.93 -21.78
CA PHE A 314 8.48 16.12 -20.51
C PHE A 314 9.95 16.42 -20.76
N PRO A 315 10.52 17.37 -20.01
CA PRO A 315 11.96 17.59 -20.14
C PRO A 315 12.73 16.32 -19.80
N PRO A 316 13.98 16.21 -20.26
CA PRO A 316 14.82 15.05 -19.97
C PRO A 316 14.90 14.72 -18.48
N ASN A 317 14.89 13.44 -18.17
CA ASN A 317 14.95 12.96 -16.79
C ASN A 317 13.80 13.46 -15.92
N ILE A 318 12.68 13.79 -16.56
CA ILE A 318 11.45 14.11 -15.83
C ILE A 318 10.43 13.02 -16.10
N ASN A 319 10.11 12.23 -15.08
CA ASN A 319 9.11 11.17 -15.19
C ASN A 319 7.93 11.47 -14.28
N PRO A 320 6.72 11.64 -14.83
CA PRO A 320 5.61 12.06 -13.99
C PRO A 320 5.19 11.07 -12.90
N SER A 321 5.40 9.77 -13.10
CA SER A 321 5.02 8.78 -12.08
CA SER A 321 5.01 8.78 -12.09
C SER A 321 6.02 8.75 -10.94
N LEU A 322 7.30 8.82 -11.29
CA LEU A 322 8.35 8.82 -10.26
C LEU A 322 8.18 10.07 -9.40
N ILE A 323 7.98 11.19 -10.07
CA ILE A 323 7.81 12.47 -9.39
C ILE A 323 6.54 12.48 -8.54
N SER A 324 5.41 12.02 -9.09
CA SER A 324 4.15 12.03 -8.31
CA SER A 324 4.16 12.03 -8.32
C SER A 324 4.19 11.05 -7.14
N LEU A 325 4.91 9.95 -7.28
CA LEU A 325 5.09 8.99 -6.20
C LEU A 325 5.78 9.68 -5.03
N LYS A 326 6.84 10.41 -5.35
CA LYS A 326 7.57 11.11 -4.32
C LYS A 326 6.74 12.26 -3.75
N ASP A 327 6.04 13.00 -4.60
CA ASP A 327 5.11 14.03 -4.12
C ASP A 327 4.14 13.50 -3.09
N ARG A 328 3.58 12.33 -3.35
CA ARG A 328 2.63 11.71 -2.43
C ARG A 328 3.27 11.15 -1.17
N PHE A 329 4.26 10.27 -1.36
CA PHE A 329 4.79 9.46 -0.29
C PHE A 329 6.16 9.82 0.27
N LEU A 330 6.83 10.79 -0.33
CA LEU A 330 8.20 11.15 0.06
C LEU A 330 8.45 12.65 -0.05
N PRO A 331 7.75 13.43 0.78
CA PRO A 331 7.83 14.90 0.74
C PRO A 331 9.25 15.42 1.02
N HIS A 332 10.01 14.77 1.91
CA HIS A 332 11.41 15.14 2.16
C HIS A 332 12.38 14.18 1.50
N GLU A 333 13.17 14.67 0.56
CA GLU A 333 14.05 13.82 -0.21
C GLU A 333 15.50 13.77 0.24
N LYS A 334 15.88 14.53 1.26
CA LYS A 334 17.29 14.64 1.60
C LYS A 334 17.90 13.26 1.89
N HIS A 335 17.22 12.47 2.71
CA HIS A 335 17.74 11.16 3.11
CA HIS A 335 17.78 11.20 3.12
C HIS A 335 17.83 10.22 1.93
N SER A 336 16.77 10.17 1.14
CA SER A 336 16.78 9.26 -0.02
C SER A 336 17.84 9.66 -1.08
N GLN A 337 18.16 10.94 -1.19
CA GLN A 337 19.22 11.34 -2.15
C GLN A 337 20.57 10.87 -1.62
N LYS A 338 20.73 10.86 -0.31
CA LYS A 338 21.95 10.37 0.29
C LYS A 338 22.11 8.86 0.06
N VAL A 339 21.04 8.10 0.27
CA VAL A 339 21.09 6.65 0.02
C VAL A 339 21.45 6.37 -1.43
N LYS A 340 20.80 7.09 -2.35
CA LYS A 340 21.12 6.96 -3.77
C LYS A 340 22.60 7.21 -4.07
N LYS A 341 23.14 8.29 -3.51
CA LYS A 341 24.53 8.65 -3.75
C LYS A 341 25.46 7.57 -3.24
N GLU A 342 25.17 7.00 -2.07
CA GLU A 342 26.04 5.94 -1.54
C GLU A 342 25.87 4.64 -2.31
N CYS A 343 24.67 4.41 -2.81
CA CYS A 343 24.43 3.26 -3.69
C CYS A 343 25.37 3.29 -4.89
N VAL A 344 25.46 4.46 -5.52
CA VAL A 344 26.33 4.66 -6.66
C VAL A 344 27.80 4.49 -6.32
N LYS A 345 28.22 5.07 -5.20
CA LYS A 345 29.63 4.99 -4.79
C LYS A 345 30.01 3.56 -4.44
N LEU A 346 29.10 2.82 -3.80
CA LEU A 346 29.36 1.41 -3.45
C LEU A 346 29.42 0.54 -4.71
N PHE A 347 28.48 0.76 -5.62
CA PHE A 347 28.47 0.05 -6.91
C PHE A 347 29.82 0.19 -7.60
N GLU A 348 30.32 1.42 -7.68
CA GLU A 348 31.57 1.67 -8.38
C GLU A 348 32.78 1.13 -7.63
N ALA A 349 32.76 1.17 -6.30
CA ALA A 349 33.84 0.57 -5.52
C ALA A 349 33.86 -0.97 -5.65
N LEU A 350 32.69 -1.59 -5.74
CA LEU A 350 32.64 -3.05 -5.73
C LEU A 350 32.67 -3.66 -7.13
N SER A 351 32.76 -2.83 -8.16
CA SER A 351 32.59 -3.30 -9.54
C SER A 351 33.62 -4.36 -9.98
N PRO A 352 34.88 -4.24 -9.55
CA PRO A 352 35.82 -5.31 -9.89
C PRO A 352 35.35 -6.69 -9.44
N LEU A 353 34.63 -6.78 -8.33
CA LEU A 353 34.08 -8.05 -7.88
C LEU A 353 32.81 -8.50 -8.58
N HIS A 354 31.81 -7.61 -8.68
CA HIS A 354 30.52 -8.03 -9.21
C HIS A 354 30.49 -7.99 -10.74
N LYS A 355 31.26 -7.08 -11.32
CA LYS A 355 31.36 -6.97 -12.77
C LYS A 355 29.99 -6.79 -13.43
N ILE A 356 29.12 -6.03 -12.78
CA ILE A 356 27.75 -5.86 -13.26
C ILE A 356 27.67 -4.74 -14.30
N ASP A 357 26.85 -4.96 -15.32
CA ASP A 357 26.59 -4.00 -16.38
C ASP A 357 26.04 -2.69 -15.78
N GLU A 358 26.67 -1.57 -16.14
CA GLU A 358 26.34 -0.25 -15.60
C GLU A 358 24.90 0.18 -15.87
N LYS A 359 24.23 -0.54 -16.76
CA LYS A 359 22.85 -0.20 -17.11
C LYS A 359 21.92 -0.42 -15.93
N TYR A 360 22.38 -1.19 -14.96
CA TYR A 360 21.54 -1.50 -13.80
C TYR A 360 21.69 -0.44 -12.70
N LEU A 361 22.62 0.48 -12.91
CA LEU A 361 22.74 1.66 -12.06
C LEU A 361 21.45 2.47 -12.10
N PHE A 362 20.76 2.40 -13.23
CA PHE A 362 19.47 3.07 -13.38
C PHE A 362 18.45 2.58 -12.36
N HIS A 363 18.33 1.26 -12.24
CA HIS A 363 17.39 0.64 -11.33
C HIS A 363 17.82 0.80 -9.88
N LEU A 364 19.14 0.69 -9.65
CA LEU A 364 19.68 0.79 -8.28
C LEU A 364 19.46 2.19 -7.70
N LYS A 365 19.71 3.21 -8.51
CA LYS A 365 19.49 4.59 -8.09
C LYS A 365 18.05 4.86 -7.72
N ILE A 366 17.11 4.35 -8.52
CA ILE A 366 15.72 4.57 -8.21
C ILE A 366 15.24 3.76 -7.01
N ALA A 367 15.73 2.53 -6.86
CA ALA A 367 15.39 1.77 -5.65
C ALA A 367 15.96 2.50 -4.42
N GLY A 368 17.13 3.08 -4.59
CA GLY A 368 17.73 3.83 -3.49
C GLY A 368 16.85 5.01 -3.09
N GLU A 369 16.31 5.71 -4.07
CA GLU A 369 15.44 6.86 -3.82
C GLU A 369 14.14 6.46 -3.16
N LEU A 370 13.57 5.33 -3.60
CA LEU A 370 12.23 4.93 -3.16
C LEU A 370 12.17 3.90 -2.04
N ALA A 371 13.30 3.40 -1.57
CA ALA A 371 13.29 2.26 -0.67
C ALA A 371 12.52 2.49 0.63
N SER A 372 12.56 3.73 1.13
N SER A 372 12.57 3.70 1.19
CA SER A 372 11.96 4.10 2.41
CA SER A 372 11.90 3.97 2.46
C SER A 372 10.53 4.62 2.29
C SER A 372 10.51 4.60 2.29
N MET A 373 10.05 4.72 1.05
CA MET A 373 8.73 5.26 0.78
C MET A 373 7.61 4.62 1.60
N GLY A 374 7.66 3.29 1.72
CA GLY A 374 6.64 2.56 2.43
C GLY A 374 6.47 2.92 3.88
N LYS A 375 7.44 3.62 4.45
CA LYS A 375 7.35 3.98 5.86
C LYS A 375 6.10 4.80 6.13
N ILE A 376 5.61 5.53 5.14
CA ILE A 376 4.45 6.38 5.33
C ILE A 376 3.22 5.51 5.64
N LEU A 377 3.28 4.26 5.22
CA LEU A 377 2.20 3.34 5.51
C LEU A 377 2.42 2.73 6.89
N SER A 378 3.51 1.98 7.03
CA SER A 378 3.91 1.44 8.31
C SER A 378 5.41 1.27 8.36
N VAL A 379 6.03 1.51 9.52
CA VAL A 379 7.46 1.26 9.66
C VAL A 379 7.72 -0.25 9.69
N TYR A 380 6.75 -1.02 10.17
CA TYR A 380 6.87 -2.46 10.17
C TYR A 380 6.75 -2.97 8.74
N LEU A 381 7.76 -3.69 8.27
CA LEU A 381 7.77 -4.21 6.89
C LEU A 381 7.75 -3.09 5.84
N ALA A 382 8.39 -1.96 6.15
CA ALA A 382 8.38 -0.81 5.26
C ALA A 382 8.87 -1.14 3.86
N HIS A 383 9.86 -2.01 3.77
CA HIS A 383 10.44 -2.33 2.48
C HIS A 383 9.43 -3.09 1.64
N LYS A 384 8.66 -3.95 2.29
CA LYS A 384 7.62 -4.68 1.59
C LYS A 384 6.59 -3.71 1.02
N HIS A 385 6.27 -2.65 1.78
CA HIS A 385 5.31 -1.66 1.30
C HIS A 385 5.88 -0.81 0.15
N SER A 386 7.13 -0.40 0.29
CA SER A 386 7.80 0.32 -0.78
C SER A 386 7.70 -0.45 -2.11
N ALA A 387 7.97 -1.74 -2.02
CA ALA A 387 7.92 -2.62 -3.19
C ALA A 387 6.50 -2.64 -3.76
N TYR A 388 5.52 -2.66 -2.88
CA TYR A 388 4.12 -2.74 -3.30
C TYR A 388 3.73 -1.47 -4.06
N PHE A 389 4.20 -0.33 -3.55
CA PHE A 389 3.96 0.97 -4.19
C PHE A 389 4.61 1.04 -5.56
N ILE A 390 5.84 0.55 -5.67
CA ILE A 390 6.58 0.63 -6.90
C ILE A 390 5.92 -0.22 -7.98
N LEU A 391 5.62 -1.46 -7.63
CA LEU A 391 5.00 -2.40 -8.55
C LEU A 391 3.70 -1.82 -9.08
N ASN A 392 2.87 -1.31 -8.19
CA ASN A 392 1.56 -0.83 -8.61
C ASN A 392 1.49 0.60 -9.17
N ALA A 393 2.26 1.52 -8.61
CA ALA A 393 2.26 2.91 -9.06
C ALA A 393 3.43 3.45 -9.92
N LEU A 394 4.48 2.70 -10.19
CA LEU A 394 5.52 3.33 -10.99
C LEU A 394 5.23 2.82 -12.38
N SER A 395 4.58 3.66 -13.16
CA SER A 395 3.87 3.12 -14.32
C SER A 395 4.27 3.84 -15.58
N TYR A 396 3.97 5.13 -15.66
CA TYR A 396 4.31 5.84 -16.88
C TYR A 396 5.79 5.79 -17.10
N GLY A 397 6.20 5.45 -18.31
CA GLY A 397 7.57 5.60 -18.73
C GLY A 397 8.46 4.45 -18.31
N PHE A 398 7.91 3.47 -17.61
CA PHE A 398 8.71 2.32 -17.21
C PHE A 398 8.23 1.01 -17.82
N SER A 399 9.19 0.23 -18.33
CA SER A 399 8.91 -1.10 -18.85
C SER A 399 8.59 -2.04 -17.70
N HIS A 400 7.91 -3.13 -17.99
CA HIS A 400 7.54 -4.07 -16.95
C HIS A 400 8.78 -4.65 -16.29
N GLN A 401 9.81 -4.91 -17.09
CA GLN A 401 11.07 -5.46 -16.58
C GLN A 401 11.74 -4.47 -15.63
N ASP A 402 11.87 -3.23 -16.07
CA ASP A 402 12.52 -2.19 -15.27
C ASP A 402 11.79 -2.00 -13.94
N ARG A 403 10.46 -1.98 -14.00
CA ARG A 403 9.67 -1.86 -12.79
C ARG A 403 9.88 -3.05 -11.87
N ALA A 404 9.95 -4.25 -12.43
CA ALA A 404 10.07 -5.47 -11.63
C ALA A 404 11.40 -5.51 -10.89
N ILE A 405 12.47 -5.16 -11.59
CA ILE A 405 13.79 -5.10 -10.99
C ILE A 405 13.77 -4.14 -9.80
N ILE A 406 13.26 -2.94 -10.02
CA ILE A 406 13.27 -1.92 -8.96
C ILE A 406 12.48 -2.41 -7.75
N CYS A 407 11.32 -3.02 -8.02
N CYS A 407 11.33 -3.04 -8.01
CA CYS A 407 10.51 -3.64 -6.98
CA CYS A 407 10.52 -3.62 -6.94
C CYS A 407 11.30 -4.66 -6.16
C CYS A 407 11.30 -4.66 -6.15
N LEU A 408 12.02 -5.54 -6.85
CA LEU A 408 12.73 -6.61 -6.18
C LEU A 408 13.83 -6.09 -5.24
N LEU A 409 14.60 -5.12 -5.72
CA LEU A 409 15.69 -4.57 -4.92
C LEU A 409 15.17 -4.03 -3.59
N ALA A 410 14.07 -3.27 -3.66
CA ALA A 410 13.44 -2.76 -2.45
C ALA A 410 12.88 -3.86 -1.56
N GLN A 411 12.08 -4.75 -2.16
CA GLN A 411 11.43 -5.82 -1.40
C GLN A 411 12.42 -6.62 -0.57
N PHE A 412 13.55 -6.95 -1.20
CA PHE A 412 14.54 -7.85 -0.61
C PHE A 412 15.72 -7.20 0.09
N SER A 413 15.67 -5.89 0.32
CA SER A 413 16.70 -5.28 1.15
C SER A 413 16.89 -6.07 2.47
N HIS A 414 18.14 -6.38 2.79
CA HIS A 414 18.51 -7.14 3.99
C HIS A 414 17.99 -8.57 4.04
N LYS A 415 17.72 -9.15 2.86
CA LYS A 415 17.19 -10.51 2.79
C LYS A 415 17.79 -11.29 1.63
N LYS A 416 17.62 -12.61 1.64
CA LYS A 416 18.05 -13.40 0.50
C LYS A 416 16.92 -13.56 -0.52
N ILE A 417 17.18 -13.23 -1.78
CA ILE A 417 16.20 -13.41 -2.84
C ILE A 417 16.09 -14.88 -3.19
N PRO A 418 14.88 -15.45 -3.10
CA PRO A 418 14.57 -16.85 -3.44
C PRO A 418 14.85 -17.17 -4.91
N LYS A 419 15.14 -18.43 -5.21
CA LYS A 419 15.47 -18.84 -6.57
C LYS A 419 14.24 -18.93 -7.47
N ASP A 420 13.09 -19.17 -6.88
CA ASP A 420 11.86 -19.42 -7.64
C ASP A 420 11.00 -18.17 -7.87
N ASN A 421 11.50 -17.01 -7.48
CA ASN A 421 10.69 -15.79 -7.50
C ASN A 421 10.08 -15.44 -8.86
N ALA A 422 8.76 -15.25 -8.86
CA ALA A 422 7.97 -15.09 -10.10
C ALA A 422 8.33 -13.84 -10.87
N ILE A 423 8.42 -12.73 -10.14
CA ILE A 423 8.74 -11.45 -10.75
C ILE A 423 10.13 -11.49 -11.35
N ALA A 424 11.06 -12.09 -10.61
CA ALA A 424 12.45 -12.19 -11.07
C ALA A 424 12.55 -13.01 -12.35
N HIS A 425 11.60 -13.93 -12.52
CA HIS A 425 11.54 -14.82 -13.67
C HIS A 425 10.60 -14.37 -14.80
N MET A 426 10.05 -13.16 -14.68
CA MET A 426 9.01 -12.69 -15.58
C MET A 426 9.48 -12.58 -17.05
N SER A 427 10.76 -12.83 -17.29
CA SER A 427 11.30 -12.80 -18.65
C SER A 427 12.76 -13.21 -18.69
N ALA A 428 13.23 -13.55 -19.89
CA ALA A 428 14.58 -14.07 -20.06
C ALA A 428 15.60 -12.93 -20.11
N MET A 429 15.10 -11.71 -20.27
CA MET A 429 15.97 -10.55 -20.30
C MET A 429 16.22 -10.01 -18.90
N MET A 430 15.54 -10.57 -17.91
CA MET A 430 15.75 -10.19 -16.52
C MET A 430 17.18 -10.46 -16.08
N PRO A 431 17.69 -9.68 -15.14
CA PRO A 431 19.03 -10.02 -14.61
C PRO A 431 19.04 -11.35 -13.87
N SER A 432 20.23 -11.92 -13.72
CA SER A 432 20.43 -13.16 -12.98
C SER A 432 20.13 -12.96 -11.51
N LEU A 433 19.87 -14.04 -10.81
CA LEU A 433 19.61 -13.97 -9.38
C LEU A 433 20.79 -13.32 -8.66
N LEU A 434 21.99 -13.67 -9.09
CA LEU A 434 23.21 -13.16 -8.48
C LEU A 434 23.35 -11.64 -8.67
N THR A 435 23.02 -11.17 -9.86
CA THR A 435 23.03 -9.73 -10.14
C THR A 435 22.01 -9.03 -9.25
N LEU A 436 20.82 -9.61 -9.13
CA LEU A 436 19.78 -9.05 -8.26
C LEU A 436 20.23 -9.03 -6.80
N GLN A 437 20.84 -10.12 -6.34
CA GLN A 437 21.27 -10.18 -4.95
C GLN A 437 22.35 -9.14 -4.65
N TRP A 438 23.27 -8.97 -5.58
CA TRP A 438 24.31 -7.94 -5.48
C TRP A 438 23.70 -6.56 -5.32
N LEU A 439 22.74 -6.23 -6.18
CA LEU A 439 22.16 -4.89 -6.15
C LEU A 439 21.37 -4.69 -4.86
N SER A 440 20.68 -5.73 -4.42
CA SER A 440 19.92 -5.64 -3.19
C SER A 440 20.86 -5.47 -1.98
N PHE A 441 21.95 -6.22 -1.99
CA PHE A 441 22.98 -6.08 -0.95
C PHE A 441 23.56 -4.66 -0.90
N ILE A 442 23.91 -4.11 -2.06
CA ILE A 442 24.45 -2.75 -2.15
C ILE A 442 23.45 -1.73 -1.59
N LEU A 443 22.19 -1.86 -1.97
CA LEU A 443 21.16 -0.99 -1.41
C LEU A 443 21.08 -1.12 0.11
N SER A 444 21.21 -2.33 0.61
CA SER A 444 21.04 -2.60 2.04
C SER A 444 22.17 -1.95 2.83
N LEU A 445 23.38 -2.07 2.32
CA LEU A 445 24.55 -1.48 2.96
C LEU A 445 24.46 0.04 2.93
N ALA A 446 24.05 0.59 1.79
CA ALA A 446 23.85 2.04 1.70
C ALA A 446 22.86 2.52 2.74
N GLU A 447 21.74 1.82 2.88
CA GLU A 447 20.75 2.18 3.89
C GLU A 447 21.32 2.16 5.30
N ASN A 448 22.14 1.15 5.59
CA ASN A 448 22.77 1.03 6.91
C ASN A 448 23.68 2.23 7.21
N LEU A 449 24.48 2.64 6.22
CA LEU A 449 25.43 3.72 6.42
C LEU A 449 24.74 5.07 6.53
N CYS A 450 23.51 5.17 6.03
CA CYS A 450 22.79 6.43 6.03
C CYS A 450 21.80 6.59 7.17
N LEU A 451 21.78 5.62 8.08
CA LEU A 451 20.83 5.64 9.19
C LEU A 451 21.06 6.87 10.05
N THR A 452 22.31 7.09 10.41
CA THR A 452 22.64 8.18 11.34
C THR A 452 22.93 9.48 10.58
N ASP A 453 23.49 10.46 11.27
CA ASP A 453 23.85 11.74 10.61
C ASP A 453 25.33 11.64 10.22
N SER A 454 25.67 10.69 9.37
CA SER A 454 27.08 10.46 8.97
C SER A 454 27.59 11.54 8.03
N HIS A 455 28.89 11.78 8.13
CA HIS A 455 29.66 12.73 7.29
C HIS A 455 30.28 11.96 6.13
N HIS A 456 31.12 12.57 5.31
CA HIS A 456 31.59 11.97 4.07
C HIS A 456 32.10 10.54 4.26
N LEU A 457 31.57 9.63 3.45
CA LEU A 457 32.01 8.24 3.42
C LEU A 457 32.83 8.00 2.17
N LYS A 458 33.82 7.11 2.27
CA LYS A 458 34.64 6.73 1.12
C LYS A 458 34.91 5.24 1.16
N TYR A 459 34.92 4.59 0.00
CA TYR A 459 35.10 3.15 -0.02
C TYR A 459 36.32 2.76 -0.84
N THR A 460 37.00 1.70 -0.38
CA THR A 460 38.09 1.12 -1.14
C THR A 460 37.93 -0.39 -1.19
N LEU A 461 38.51 -0.99 -2.22
CA LEU A 461 38.45 -2.45 -2.35
C LEU A 461 39.86 -3.04 -2.47
N GLU A 462 40.12 -4.06 -1.70
CA GLU A 462 41.42 -4.78 -1.73
C GLU A 462 41.07 -6.25 -1.72
N LYS A 463 41.17 -6.89 -2.89
CA LYS A 463 40.77 -8.29 -3.14
C LYS A 463 39.31 -8.47 -2.71
N ASN A 464 39.02 -9.35 -1.76
CA ASN A 464 37.61 -9.62 -1.35
C ASN A 464 37.26 -8.82 -0.09
N LYS A 465 38.06 -7.79 0.21
CA LYS A 465 37.83 -6.96 1.37
C LYS A 465 37.36 -5.54 1.02
N LEU A 466 36.14 -5.20 1.42
CA LEU A 466 35.63 -3.85 1.28
C LEU A 466 35.94 -3.03 2.53
N VAL A 467 36.50 -1.85 2.32
CA VAL A 467 36.89 -0.99 3.42
C VAL A 467 36.08 0.31 3.41
N ILE A 468 35.39 0.55 4.51
CA ILE A 468 34.58 1.75 4.69
C ILE A 468 35.38 2.80 5.48
N HIS A 469 35.63 3.94 4.86
CA HIS A 469 36.42 5.02 5.47
C HIS A 469 35.50 6.16 5.95
N SER A 470 35.58 6.48 7.24
CA SER A 470 34.72 7.49 7.83
C SER A 470 35.38 8.11 9.06
N ASN A 471 35.02 9.35 9.39
CA ASN A 471 35.45 9.96 10.65
C ASN A 471 34.41 9.79 11.75
N ASP A 472 33.32 9.11 11.42
CA ASP A 472 32.23 8.79 12.34
C ASP A 472 32.40 7.42 12.98
N ALA A 473 31.93 7.29 14.22
CA ALA A 473 31.93 6.03 14.93
C ALA A 473 31.15 4.93 14.20
N LEU A 474 30.03 5.32 13.60
CA LEU A 474 29.13 4.39 12.88
C LEU A 474 28.86 3.15 13.72
N TYR A 475 28.49 3.37 14.99
CA TYR A 475 28.25 2.28 15.90
C TYR A 475 27.10 1.38 15.46
N LEU A 476 25.98 1.99 15.10
CA LEU A 476 24.80 1.25 14.73
C LEU A 476 25.03 0.47 13.44
N ALA A 477 25.68 1.10 12.46
CA ALA A 477 25.99 0.42 11.19
C ALA A 477 26.87 -0.80 11.45
N LYS A 478 27.81 -0.68 12.38
CA LYS A 478 28.68 -1.81 12.69
C LYS A 478 27.90 -2.92 13.35
N GLU A 479 26.98 -2.57 14.25
CA GLU A 479 26.16 -3.56 14.93
C GLU A 479 25.29 -4.35 13.95
N MET A 480 24.83 -3.66 12.91
CA MET A 480 23.87 -4.20 11.94
C MET A 480 24.51 -5.08 10.89
N LEU A 481 25.83 -4.97 10.79
CA LEU A 481 26.60 -5.63 9.74
C LEU A 481 26.21 -7.10 9.52
N PRO A 482 26.14 -7.90 10.60
CA PRO A 482 25.79 -9.32 10.52
C PRO A 482 24.42 -9.59 9.90
N LYS A 483 23.52 -8.63 9.96
CA LYS A 483 22.19 -8.78 9.37
C LYS A 483 22.17 -8.60 7.84
N LEU A 484 23.29 -8.18 7.24
CA LEU A 484 23.34 -8.03 5.79
C LEU A 484 23.46 -9.38 5.14
N VAL A 485 22.77 -9.56 4.02
CA VAL A 485 22.91 -10.80 3.23
C VAL A 485 23.86 -10.57 2.06
N LYS A 486 25.02 -11.22 2.09
CA LYS A 486 26.05 -11.04 1.08
C LYS A 486 25.85 -11.99 -0.09
N PRO A 487 26.03 -11.48 -1.31
CA PRO A 487 25.89 -12.22 -2.57
C PRO A 487 26.99 -13.25 -2.75
N ILE A 488 28.19 -12.92 -2.29
CA ILE A 488 29.32 -13.86 -2.29
C ILE A 488 30.03 -13.77 -0.95
N PRO A 489 31.05 -14.62 -0.72
CA PRO A 489 31.86 -14.32 0.47
C PRO A 489 32.61 -13.02 0.28
N LEU A 490 32.50 -12.13 1.27
CA LEU A 490 33.12 -10.82 1.20
C LEU A 490 33.43 -10.32 2.60
N THR A 491 34.52 -9.56 2.73
CA THR A 491 34.90 -9.03 4.03
C THR A 491 34.61 -7.55 4.05
N ILE A 492 33.85 -7.11 5.05
CA ILE A 492 33.58 -5.69 5.22
C ILE A 492 34.23 -5.15 6.48
N GLU A 493 35.10 -4.17 6.32
CA GLU A 493 35.80 -3.61 7.48
C GLU A 493 35.60 -2.11 7.54
N PHE A 494 35.62 -1.55 8.75
CA PHE A 494 35.51 -0.11 8.93
C PHE A 494 36.87 0.49 9.28
N ALA A 495 37.40 1.34 8.41
CA ALA A 495 38.63 2.08 8.70
C ALA A 495 38.33 3.30 9.55
N SER B 12 3.62 20.77 23.33
CA SER B 12 3.57 19.50 22.55
C SER B 12 4.05 19.76 21.13
N ALA B 13 4.72 18.79 20.54
CA ALA B 13 5.44 19.01 19.29
C ALA B 13 4.88 18.17 18.17
N LYS B 14 5.07 18.63 16.94
CA LYS B 14 4.65 17.88 15.77
C LYS B 14 5.46 16.58 15.62
N ILE B 15 6.75 16.67 15.91
CA ILE B 15 7.63 15.48 15.84
C ILE B 15 8.26 15.27 17.22
N THR B 16 7.97 14.11 17.83
CA THR B 16 8.42 13.82 19.21
C THR B 16 9.22 12.53 19.20
N THR B 17 10.42 12.54 19.78
CA THR B 17 11.22 11.32 19.87
C THR B 17 11.15 10.82 21.32
N VAL B 18 10.94 9.52 21.52
CA VAL B 18 11.00 8.96 22.85
C VAL B 18 12.03 7.85 22.84
N ILE B 19 12.94 7.89 23.82
CA ILE B 19 14.00 6.90 23.92
C ILE B 19 13.82 6.17 25.26
N ASP B 20 13.92 4.84 25.23
CA ASP B 20 13.76 3.99 26.40
C ASP B 20 15.04 3.21 26.59
N ILE B 21 15.67 3.38 27.75
CA ILE B 21 16.88 2.62 28.02
C ILE B 21 16.50 1.47 28.93
N GLY B 22 16.50 0.27 28.38
CA GLY B 22 16.04 -0.89 29.09
C GLY B 22 17.23 -1.69 29.58
N SER B 23 16.98 -2.85 30.13
CA SER B 23 18.06 -3.70 30.59
C SER B 23 18.71 -4.48 29.47
N ASN B 24 17.90 -4.93 28.51
CA ASN B 24 18.38 -5.64 27.31
C ASN B 24 18.84 -4.80 26.12
N SER B 25 18.09 -3.74 25.83
CA SER B 25 18.36 -2.94 24.64
C SER B 25 18.00 -1.48 24.92
N VAL B 26 18.44 -0.58 24.05
N VAL B 26 18.45 -0.59 24.05
CA VAL B 26 17.92 0.77 24.09
CA VAL B 26 17.97 0.79 24.06
C VAL B 26 17.11 0.98 22.81
C VAL B 26 17.10 0.95 22.81
N ARG B 27 15.97 1.64 22.94
CA ARG B 27 15.03 1.74 21.83
C ARG B 27 14.57 3.16 21.58
N LEU B 28 14.30 3.46 20.32
CA LEU B 28 13.91 4.80 19.93
C LEU B 28 12.66 4.76 19.08
N ALA B 29 11.73 5.66 19.37
CA ALA B 29 10.54 5.83 18.51
C ALA B 29 10.38 7.30 18.16
N VAL B 30 10.04 7.61 16.92
CA VAL B 30 9.73 8.98 16.53
C VAL B 30 8.25 9.03 16.17
N PHE B 31 7.47 9.88 16.81
CA PHE B 31 6.02 9.97 16.56
C PHE B 31 5.71 11.26 15.83
N LYS B 32 4.83 11.21 14.83
CA LYS B 32 4.47 12.43 14.10
C LYS B 32 2.97 12.69 14.24
N LYS B 33 2.60 13.89 14.67
N LYS B 33 2.65 13.89 14.72
CA LYS B 33 1.19 14.20 14.91
CA LYS B 33 1.28 14.37 14.74
C LYS B 33 0.52 14.85 13.68
C LYS B 33 0.79 14.64 13.34
N THR B 34 -0.38 14.10 13.03
CA THR B 34 -1.06 14.53 11.80
C THR B 34 -2.31 15.40 11.98
N SER B 35 -2.80 15.52 13.21
CA SER B 35 -4.00 16.29 13.53
C SER B 35 -4.07 16.40 15.05
N GLN B 36 -5.15 16.94 15.60
CA GLN B 36 -5.24 17.04 17.05
C GLN B 36 -5.03 15.69 17.74
N PHE B 37 -5.85 14.69 17.42
CA PHE B 37 -5.58 13.36 17.96
C PHE B 37 -4.88 12.31 17.08
N GLY B 38 -4.70 12.60 15.80
CA GLY B 38 -4.04 11.68 14.89
C GLY B 38 -2.53 11.67 15.05
N PHE B 39 -1.94 10.50 15.10
CA PHE B 39 -0.48 10.43 15.04
C PHE B 39 -0.08 9.08 14.52
N TYR B 40 1.16 8.96 14.07
CA TYR B 40 1.65 7.63 13.70
C TYR B 40 3.13 7.51 14.02
N LEU B 41 3.61 6.27 14.01
CA LEU B 41 5.00 6.03 14.31
C LEU B 41 5.77 6.25 13.02
N LEU B 42 6.61 7.27 13.05
CA LEU B 42 7.37 7.70 11.88
C LEU B 42 8.60 6.86 11.66
N PHE B 43 9.31 6.54 12.76
CA PHE B 43 10.55 5.80 12.66
C PHE B 43 10.74 5.03 13.97
N GLU B 44 11.36 3.87 13.93
CA GLU B 44 11.71 3.14 15.15
CA GLU B 44 11.77 3.22 15.16
C GLU B 44 13.01 2.39 14.95
N THR B 45 13.82 2.26 15.99
CA THR B 45 14.99 1.41 15.87
C THR B 45 15.43 0.99 17.27
N LYS B 46 16.28 -0.01 17.34
CA LYS B 46 16.76 -0.50 18.63
C LYS B 46 18.20 -0.95 18.49
N SER B 47 18.90 -1.02 19.62
CA SER B 47 20.26 -1.51 19.63
C SER B 47 20.39 -2.43 20.82
N LYS B 48 21.00 -3.61 20.69
CA LYS B 48 20.95 -4.38 21.91
C LYS B 48 22.29 -4.15 22.58
N VAL B 49 22.29 -3.20 23.49
CA VAL B 49 23.56 -2.85 24.12
C VAL B 49 23.69 -3.59 25.42
N ARG B 50 22.59 -4.19 25.85
CA ARG B 50 22.50 -4.92 27.13
C ARG B 50 23.28 -4.22 28.22
N ILE B 51 22.79 -3.07 28.68
CA ILE B 51 23.54 -2.30 29.65
C ILE B 51 23.68 -3.05 30.97
N SER B 52 22.81 -4.04 31.19
CA SER B 52 22.80 -4.81 32.43
C SER B 52 23.81 -5.95 32.41
N GLU B 53 24.54 -6.13 31.32
CA GLU B 53 25.40 -7.30 31.20
C GLU B 53 26.46 -7.34 32.30
N GLY B 54 26.48 -8.46 33.04
CA GLY B 54 27.40 -8.63 34.16
C GLY B 54 27.12 -7.85 35.44
N CYS B 55 26.04 -7.07 35.49
CA CYS B 55 25.75 -6.26 36.65
C CYS B 55 25.12 -7.08 37.80
N TYR B 56 24.42 -8.17 37.47
CA TYR B 56 23.57 -8.84 38.47
C TYR B 56 24.42 -9.51 39.57
N ALA B 57 25.63 -9.94 39.23
CA ALA B 57 26.53 -10.55 40.23
C ALA B 57 27.25 -9.52 41.08
N PHE B 58 27.27 -8.30 40.57
CA PHE B 58 27.91 -7.11 41.15
C PHE B 58 27.00 -6.22 41.99
N ASN B 59 25.81 -6.72 42.32
CA ASN B 59 24.85 -5.93 43.10
C ASN B 59 24.36 -4.78 42.28
N GLY B 60 24.25 -5.02 40.98
CA GLY B 60 23.61 -4.06 40.10
C GLY B 60 24.51 -2.98 39.57
N ILE B 61 25.80 -3.01 39.91
CA ILE B 61 26.70 -2.00 39.37
C ILE B 61 26.91 -2.22 37.87
N LEU B 62 26.63 -1.17 37.08
CA LEU B 62 26.75 -1.25 35.63
C LEU B 62 28.20 -1.35 35.23
N GLN B 63 28.49 -2.33 34.39
CA GLN B 63 29.87 -2.56 33.96
C GLN B 63 30.31 -1.56 32.90
N GLU B 64 31.62 -1.36 32.84
CA GLU B 64 32.20 -0.33 31.98
C GLU B 64 31.93 -0.52 30.48
N ILE B 65 32.20 -1.70 29.96
CA ILE B 65 31.98 -1.97 28.54
C ILE B 65 30.51 -1.81 28.14
N PRO B 66 29.58 -2.36 28.94
CA PRO B 66 28.17 -2.15 28.59
C PRO B 66 27.78 -0.67 28.62
N MET B 67 28.32 0.07 29.57
CA MET B 67 28.04 1.50 29.65
C MET B 67 28.55 2.24 28.42
N GLN B 68 29.74 1.85 27.96
CA GLN B 68 30.32 2.47 26.79
C GLN B 68 29.49 2.19 25.53
N ARG B 69 28.99 0.96 25.40
CA ARG B 69 28.10 0.61 24.29
C ARG B 69 26.85 1.48 24.32
N ALA B 70 26.28 1.64 25.52
CA ALA B 70 25.04 2.38 25.66
C ALA B 70 25.24 3.84 25.25
N VAL B 71 26.38 4.42 25.67
CA VAL B 71 26.65 5.81 25.32
C VAL B 71 26.77 5.98 23.81
N LYS B 72 27.43 5.04 23.17
CA LYS B 72 27.64 5.12 21.73
C LYS B 72 26.32 4.98 20.99
N ALA B 73 25.45 4.07 21.44
CA ALA B 73 24.15 3.92 20.77
C ALA B 73 23.32 5.17 20.98
N LEU B 74 23.34 5.67 22.22
CA LEU B 74 22.48 6.80 22.54
C LEU B 74 22.92 8.05 21.81
N SER B 75 24.22 8.19 21.57
N SER B 75 24.22 8.19 21.59
CA SER B 75 24.72 9.35 20.82
CA SER B 75 24.74 9.32 20.83
C SER B 75 24.15 9.33 19.40
C SER B 75 24.14 9.32 19.43
N GLU B 76 24.05 8.14 18.83
CA GLU B 76 23.53 8.06 17.47
C GLU B 76 22.00 8.14 17.45
N PHE B 77 21.36 7.74 18.55
CA PHE B 77 19.92 7.96 18.66
C PHE B 77 19.65 9.46 18.69
N LYS B 78 20.50 10.21 19.37
CA LYS B 78 20.31 11.66 19.37
C LYS B 78 20.40 12.21 17.95
N GLU B 79 21.34 11.69 17.18
CA GLU B 79 21.55 12.15 15.81
C GLU B 79 20.29 11.90 14.99
N ILE B 80 19.73 10.71 15.13
CA ILE B 80 18.49 10.33 14.45
C ILE B 80 17.33 11.24 14.87
N ALA B 81 17.21 11.52 16.16
CA ALA B 81 16.19 12.42 16.65
C ALA B 81 16.26 13.77 15.92
N LEU B 82 17.48 14.26 15.72
CA LEU B 82 17.68 15.58 15.13
C LEU B 82 17.48 15.52 13.63
N LYS B 83 17.78 14.37 13.03
CA LYS B 83 17.59 14.14 11.59
C LYS B 83 16.12 14.31 11.22
N TYR B 84 15.23 13.88 12.10
CA TYR B 84 13.78 14.00 11.85
C TYR B 84 13.25 15.34 12.36
N LYS B 85 14.16 16.20 12.85
CA LYS B 85 13.83 17.53 13.35
C LYS B 85 12.84 17.46 14.50
N SER B 86 13.11 16.55 15.43
CA SER B 86 12.25 16.42 16.60
C SER B 86 12.28 17.72 17.41
N LYS B 87 11.12 18.25 17.78
CA LYS B 87 11.11 19.43 18.63
C LYS B 87 11.02 19.06 20.11
N LYS B 88 10.80 17.78 20.38
CA LYS B 88 10.83 17.29 21.75
C LYS B 88 11.50 15.93 21.78
N ILE B 89 12.39 15.74 22.73
CA ILE B 89 13.11 14.50 22.88
C ILE B 89 13.00 14.07 24.33
N LEU B 90 12.42 12.90 24.56
CA LEU B 90 12.15 12.42 25.91
C LEU B 90 12.90 11.12 26.11
N CYS B 91 13.54 10.95 27.26
CA CYS B 91 14.36 9.79 27.47
CA CYS B 91 14.36 9.78 27.49
C CYS B 91 14.10 9.21 28.87
N VAL B 92 13.71 7.93 28.93
CA VAL B 92 13.49 7.27 30.22
C VAL B 92 14.43 6.09 30.35
N ALA B 93 14.73 5.74 31.60
CA ALA B 93 15.51 4.56 31.93
C ALA B 93 14.84 3.77 33.06
N THR B 94 14.77 2.47 32.83
CA THR B 94 14.12 1.43 33.62
C THR B 94 15.07 0.65 34.53
N SER B 95 14.65 -0.57 34.84
CA SER B 95 15.19 -1.38 35.95
C SER B 95 16.71 -1.41 36.10
N ALA B 96 17.46 -1.66 35.04
CA ALA B 96 18.92 -1.79 35.19
C ALA B 96 19.55 -0.47 35.67
N VAL B 97 19.12 0.65 35.12
CA VAL B 97 19.66 1.95 35.56
C VAL B 97 19.08 2.36 36.92
N ARG B 98 17.79 2.17 37.16
CA ARG B 98 17.24 2.61 38.44
C ARG B 98 17.84 1.81 39.60
N ASP B 99 18.14 0.53 39.38
CA ASP B 99 18.72 -0.34 40.42
C ASP B 99 20.20 -0.05 40.70
N ALA B 100 20.86 0.63 39.77
CA ALA B 100 22.33 0.68 39.75
C ALA B 100 22.90 1.63 40.81
N PRO B 101 23.86 1.13 41.62
CA PRO B 101 24.49 2.02 42.60
C PRO B 101 25.25 3.18 41.94
N ASN B 102 25.75 2.94 40.74
CA ASN B 102 26.45 3.93 39.90
C ASN B 102 25.51 4.66 38.90
N ARG B 103 24.22 4.50 39.07
CA ARG B 103 23.28 5.17 38.16
C ARG B 103 23.57 6.67 37.92
N LEU B 104 23.96 7.42 38.95
CA LEU B 104 24.24 8.84 38.76
C LEU B 104 25.42 9.08 37.82
N GLU B 105 26.46 8.26 37.95
CA GLU B 105 27.59 8.28 37.02
C GLU B 105 27.16 8.01 35.58
N PHE B 106 26.34 6.99 35.39
CA PHE B 106 25.85 6.68 34.04
C PHE B 106 25.01 7.82 33.45
N VAL B 107 24.05 8.33 34.22
CA VAL B 107 23.23 9.45 33.75
C VAL B 107 24.13 10.64 33.34
N ALA B 108 25.12 10.96 34.17
CA ALA B 108 25.98 12.09 33.85
C ALA B 108 26.80 11.85 32.58
N ARG B 109 27.24 10.61 32.37
CA ARG B 109 28.04 10.28 31.19
C ARG B 109 27.22 10.45 29.91
N VAL B 110 25.95 10.07 29.98
CA VAL B 110 25.10 10.22 28.82
C VAL B 110 24.85 11.68 28.55
N LYS B 111 24.50 12.43 29.58
CA LYS B 111 24.29 13.86 29.39
C LYS B 111 25.54 14.50 28.78
N LYS B 112 26.72 14.10 29.25
CA LYS B 112 27.96 14.70 28.77
C LYS B 112 28.21 14.42 27.29
N ALA B 113 28.00 13.17 26.87
CA ALA B 113 28.26 12.81 25.48
C ALA B 113 27.17 13.18 24.46
N CYS B 114 25.93 12.84 24.84
N CYS B 114 25.89 12.94 24.71
CA CYS B 114 24.75 12.91 23.98
CA CYS B 114 24.94 13.40 23.69
C CYS B 114 23.80 14.09 24.21
C CYS B 114 24.02 14.58 24.02
N GLY B 115 24.02 14.87 25.26
N GLY B 115 24.03 15.05 25.26
CA GLY B 115 23.10 15.96 25.59
CA GLY B 115 23.03 16.03 25.64
C GLY B 115 21.75 15.50 26.14
C GLY B 115 21.64 15.43 25.61
N LEU B 116 21.52 14.20 26.10
CA LEU B 116 20.24 13.63 26.50
C LEU B 116 20.14 13.66 28.02
N GLN B 117 19.02 14.16 28.53
CA GLN B 117 18.77 14.07 29.96
C GLN B 117 17.90 12.84 30.25
N ILE B 118 18.50 11.83 30.87
CA ILE B 118 17.77 10.62 31.24
C ILE B 118 16.88 10.86 32.44
N LYS B 119 15.61 10.49 32.31
CA LYS B 119 14.76 10.45 33.48
C LYS B 119 14.67 9.00 33.95
N ILE B 120 15.23 8.72 35.11
CA ILE B 120 15.12 7.39 35.68
C ILE B 120 13.72 7.25 36.25
N ILE B 121 12.97 6.23 35.85
CA ILE B 121 11.61 6.09 36.35
C ILE B 121 11.46 4.85 37.20
N ASP B 122 10.68 4.96 38.28
CA ASP B 122 10.54 3.83 39.16
C ASP B 122 9.63 2.79 38.52
N GLY B 123 9.48 1.65 39.19
CA GLY B 123 8.71 0.56 38.61
C GLY B 123 7.24 0.90 38.51
N GLN B 124 6.72 1.69 39.44
CA GLN B 124 5.33 2.12 39.37
C GLN B 124 5.09 2.96 38.13
N LYS B 125 5.97 3.92 37.90
CA LYS B 125 5.80 4.78 36.73
C LYS B 125 5.95 3.97 35.45
N GLU B 126 6.88 3.01 35.45
CA GLU B 126 7.08 2.17 34.26
C GLU B 126 5.80 1.40 33.94
N ALA B 127 5.17 0.86 34.98
CA ALA B 127 3.92 0.13 34.84
C ALA B 127 2.82 1.06 34.35
N LEU B 128 2.79 2.28 34.89
CA LEU B 128 1.80 3.28 34.45
C LEU B 128 1.91 3.59 32.95
N TYR B 129 3.11 3.89 32.48
CA TYR B 129 3.26 4.26 31.07
C TYR B 129 2.79 3.12 30.15
N GLY B 130 3.12 1.89 30.54
CA GLY B 130 2.68 0.73 29.78
C GLY B 130 1.16 0.66 29.80
N GLY B 131 0.59 0.92 30.97
CA GLY B 131 -0.85 0.88 31.13
C GLY B 131 -1.52 1.95 30.29
N ILE B 132 -0.92 3.13 30.22
CA ILE B 132 -1.53 4.24 29.46
C ILE B 132 -1.58 3.88 27.98
N ALA B 133 -0.51 3.26 27.49
CA ALA B 133 -0.47 2.83 26.10
C ALA B 133 -1.54 1.77 25.85
N CYS B 134 -1.59 0.75 26.69
CA CYS B 134 -2.54 -0.34 26.45
C CYS B 134 -4.00 0.07 26.69
N ALA B 135 -4.25 1.04 27.57
CA ALA B 135 -5.62 1.44 27.85
C ALA B 135 -6.21 2.21 26.68
N ASN B 136 -5.36 2.96 26.00
CA ASN B 136 -5.71 3.72 24.80
C ASN B 136 -5.66 3.07 23.41
N LEU B 137 -4.62 2.27 23.18
CA LEU B 137 -4.28 1.78 21.82
C LEU B 137 -4.67 0.35 21.44
N LEU B 138 -5.31 -0.40 22.33
CA LEU B 138 -5.75 -1.75 21.97
C LEU B 138 -7.25 -1.87 21.70
N HIS B 139 -7.69 -3.05 21.28
CA HIS B 139 -9.08 -3.23 20.87
C HIS B 139 -9.95 -3.71 22.01
N LYS B 140 -9.34 -4.00 23.15
CA LYS B 140 -10.05 -4.21 24.41
C LYS B 140 -9.47 -3.22 25.43
N ASN B 141 -10.31 -2.54 26.18
CA ASN B 141 -9.83 -1.72 27.29
C ASN B 141 -9.94 -2.29 28.75
N SER B 142 -10.34 -3.54 28.96
CA SER B 142 -10.20 -4.11 30.31
C SER B 142 -9.25 -5.32 30.24
N GLY B 143 -8.27 -5.36 31.15
CA GLY B 143 -7.28 -6.42 31.11
C GLY B 143 -6.07 -6.04 31.94
N ILE B 144 -5.07 -6.92 31.96
CA ILE B 144 -3.87 -6.72 32.76
C ILE B 144 -2.68 -6.71 31.81
N THR B 145 -1.87 -5.65 31.83
CA THR B 145 -0.66 -5.65 31.01
C THR B 145 0.35 -6.64 31.57
N ILE B 146 1.15 -7.24 30.70
CA ILE B 146 2.30 -7.99 31.14
C ILE B 146 3.46 -7.44 30.34
N ASP B 147 4.36 -6.72 31.02
CA ASP B 147 5.50 -6.12 30.32
C ASP B 147 6.73 -6.79 30.88
N ILE B 148 7.30 -7.70 30.11
CA ILE B 148 8.43 -8.46 30.62
C ILE B 148 9.68 -7.86 30.01
N GLY B 149 10.55 -7.33 30.86
CA GLY B 149 11.83 -6.82 30.42
C GLY B 149 13.03 -7.66 30.84
N GLY B 150 14.21 -7.09 30.65
CA GLY B 150 15.44 -7.77 30.99
C GLY B 150 15.66 -7.82 32.49
N GLY B 151 15.32 -6.73 33.18
CA GLY B 151 15.42 -6.67 34.64
C GLY B 151 14.19 -6.69 35.52
N SER B 152 13.01 -6.41 34.96
CA SER B 152 11.81 -6.34 35.80
C SER B 152 10.62 -6.61 34.90
N THR B 153 9.49 -6.91 35.53
CA THR B 153 8.25 -7.21 34.84
C THR B 153 7.14 -6.39 35.49
N GLU B 154 6.35 -5.69 34.68
CA GLU B 154 5.29 -4.83 35.22
C GLU B 154 3.92 -5.32 34.81
N CYS B 155 2.95 -5.21 35.71
CA CYS B 155 1.55 -5.46 35.39
C CYS B 155 0.68 -4.29 35.80
N ALA B 156 -0.15 -3.82 34.89
CA ALA B 156 -1.15 -2.79 35.22
C ALA B 156 -2.55 -3.34 34.95
N LEU B 157 -3.42 -3.24 35.94
CA LEU B 157 -4.80 -3.64 35.79
C LEU B 157 -5.60 -2.45 35.27
N ILE B 158 -6.30 -2.69 34.17
CA ILE B 158 -7.08 -1.67 33.48
C ILE B 158 -8.54 -2.12 33.47
N GLU B 159 -9.42 -1.24 33.91
N GLU B 159 -9.44 -1.26 33.93
CA GLU B 159 -10.86 -1.49 33.88
CA GLU B 159 -10.86 -1.56 33.84
C GLU B 159 -11.54 -0.41 33.05
C GLU B 159 -11.57 -0.45 33.07
N LYS B 160 -12.13 -0.82 31.92
CA LYS B 160 -12.81 0.12 31.04
C LYS B 160 -11.97 1.37 30.73
N GLY B 161 -10.73 1.16 30.32
CA GLY B 161 -9.86 2.26 29.98
C GLY B 161 -9.22 3.03 31.12
N LYS B 162 -9.51 2.63 32.36
N LYS B 162 -9.51 2.63 32.36
CA LYS B 162 -8.93 3.31 33.53
CA LYS B 162 -8.94 3.31 33.52
C LYS B 162 -7.94 2.42 34.27
C LYS B 162 -7.94 2.44 34.28
N ILE B 163 -6.76 2.97 34.53
CA ILE B 163 -5.75 2.23 35.27
C ILE B 163 -6.15 2.19 36.76
N LYS B 164 -6.23 0.97 37.30
CA LYS B 164 -6.67 0.69 38.68
C LYS B 164 -5.50 0.42 39.61
N ASP B 165 -4.71 -0.58 39.26
CA ASP B 165 -3.63 -1.03 40.11
C ASP B 165 -2.37 -1.27 39.30
N LEU B 166 -1.21 -1.14 39.96
CA LEU B 166 0.10 -1.32 39.36
C LEU B 166 0.95 -2.24 40.21
N ILE B 167 1.75 -3.09 39.59
CA ILE B 167 2.72 -3.90 40.33
C ILE B 167 3.99 -3.96 39.52
N SER B 168 5.15 -3.85 40.16
CA SER B 168 6.41 -4.04 39.45
C SER B 168 7.19 -5.12 40.17
N LEU B 169 7.66 -6.12 39.44
CA LEU B 169 8.36 -7.27 40.03
C LEU B 169 9.82 -7.34 39.59
N ASP B 170 10.77 -7.71 40.48
CA ASP B 170 12.09 -7.74 39.89
C ASP B 170 12.35 -9.16 39.50
N VAL B 171 11.91 -9.42 38.29
N VAL B 171 11.87 -9.47 38.31
CA VAL B 171 12.17 -10.64 37.56
CA VAL B 171 12.17 -10.69 37.58
C VAL B 171 12.25 -10.16 36.14
C VAL B 171 12.24 -10.19 36.17
N GLY B 172 13.27 -10.60 35.43
CA GLY B 172 13.48 -10.16 34.06
C GLY B 172 14.31 -11.23 33.38
N THR B 173 14.40 -11.15 32.05
CA THR B 173 15.03 -12.19 31.28
C THR B 173 16.52 -12.29 31.57
N ILE B 174 17.19 -11.14 31.65
CA ILE B 174 18.65 -11.14 31.84
C ILE B 174 18.98 -11.41 33.33
N ARG B 175 18.18 -10.86 34.23
CA ARG B 175 18.35 -11.11 35.66
C ARG B 175 18.28 -12.62 35.93
N ILE B 176 17.28 -13.27 35.37
CA ILE B 176 17.11 -14.72 35.57
C ILE B 176 18.23 -15.49 34.88
N LYS B 177 18.61 -15.04 33.69
CA LYS B 177 19.71 -15.68 32.96
C LYS B 177 20.99 -15.66 33.80
N GLU B 178 21.32 -14.50 34.35
CA GLU B 178 22.62 -14.33 34.99
C GLU B 178 22.67 -14.90 36.40
N MET B 179 21.54 -14.90 37.09
N MET B 179 21.55 -14.91 37.10
CA MET B 179 21.46 -15.41 38.46
CA MET B 179 21.53 -15.48 38.44
C MET B 179 21.14 -16.92 38.57
C MET B 179 21.46 -17.01 38.40
N PHE B 180 20.64 -17.53 37.51
CA PHE B 180 20.34 -18.97 37.52
C PHE B 180 20.96 -19.72 36.33
N LEU B 181 20.50 -19.42 35.12
CA LEU B 181 20.88 -20.15 33.90
C LEU B 181 22.34 -20.00 33.53
N ASP B 182 23.05 -19.13 34.25
CA ASP B 182 24.50 -18.93 34.00
C ASP B 182 25.26 -19.57 35.17
N LYS B 183 24.90 -19.19 36.39
CA LYS B 183 25.50 -19.78 37.58
C LYS B 183 25.22 -21.28 37.67
N ASP B 184 24.42 -21.77 36.72
CA ASP B 184 24.14 -23.21 36.58
C ASP B 184 23.37 -23.76 37.76
N LEU B 185 22.36 -22.99 38.12
CA LEU B 185 21.31 -23.42 39.02
C LEU B 185 20.18 -23.97 38.15
N ASP B 186 19.53 -25.04 38.61
CA ASP B 186 18.51 -25.73 37.82
C ASP B 186 17.33 -24.82 37.48
N VAL B 187 16.67 -25.11 36.36
CA VAL B 187 15.48 -24.37 35.96
C VAL B 187 14.43 -24.37 37.07
N LYS B 188 14.36 -25.48 37.78
CA LYS B 188 13.46 -25.58 38.93
C LYS B 188 13.68 -24.46 39.94
N LEU B 189 14.92 -24.06 40.14
CA LEU B 189 15.22 -23.02 41.12
C LEU B 189 14.74 -21.66 40.61
N ALA B 190 14.99 -21.42 39.34
CA ALA B 190 14.57 -20.17 38.72
C ALA B 190 13.06 -20.06 38.79
N LYS B 191 12.39 -21.13 38.41
CA LYS B 191 10.93 -21.17 38.46
C LYS B 191 10.36 -20.91 39.84
N ALA B 192 10.91 -21.53 40.88
CA ALA B 192 10.38 -21.30 42.22
C ALA B 192 10.52 -19.84 42.65
N PHE B 193 11.65 -19.23 42.29
CA PHE B 193 11.91 -17.84 42.58
C PHE B 193 10.93 -16.92 41.85
N ILE B 194 10.65 -17.25 40.60
CA ILE B 194 9.70 -16.42 39.84
C ILE B 194 8.32 -16.56 40.44
N GLN B 195 7.91 -17.79 40.77
CA GLN B 195 6.60 -18.03 41.34
C GLN B 195 6.38 -17.23 42.61
N LYS B 196 7.42 -17.13 43.44
CA LYS B 196 7.31 -16.38 44.69
C LYS B 196 7.03 -14.91 44.43
N GLU B 197 7.74 -14.32 43.46
CA GLU B 197 7.54 -12.90 43.16
C GLU B 197 6.16 -12.69 42.57
N VAL B 198 5.76 -13.60 41.70
CA VAL B 198 4.47 -13.49 41.01
C VAL B 198 3.30 -13.64 41.97
N SER B 199 3.51 -14.32 43.11
CA SER B 199 2.43 -14.45 44.08
C SER B 199 2.01 -13.08 44.60
N LYS B 200 2.87 -12.09 44.39
CA LYS B 200 2.61 -10.71 44.80
C LYS B 200 1.57 -9.99 43.95
N LEU B 201 1.19 -10.58 42.81
CA LEU B 201 0.12 -10.00 41.99
C LEU B 201 -1.22 -10.43 42.54
N PRO B 202 -1.97 -9.47 43.10
CA PRO B 202 -3.27 -9.71 43.74
C PRO B 202 -4.40 -9.97 42.75
N PHE B 203 -4.29 -9.48 41.52
CA PHE B 203 -5.46 -9.48 40.67
C PHE B 203 -5.48 -10.57 39.62
N LYS B 204 -6.58 -10.66 38.90
CA LYS B 204 -6.76 -11.69 37.90
C LYS B 204 -7.66 -11.11 36.83
N HIS B 205 -7.51 -11.57 35.59
CA HIS B 205 -8.44 -11.15 34.55
C HIS B 205 -8.45 -12.11 33.37
N LYS B 206 -9.53 -12.12 32.60
CA LYS B 206 -9.54 -12.97 31.42
C LYS B 206 -8.57 -12.45 30.35
N ASN B 207 -8.38 -11.12 30.30
CA ASN B 207 -7.54 -10.51 29.26
C ASN B 207 -6.16 -10.09 29.76
N ALA B 208 -5.13 -10.34 28.95
CA ALA B 208 -3.79 -9.75 29.16
C ALA B 208 -3.29 -9.01 27.94
N PHE B 209 -2.51 -7.96 28.17
CA PHE B 209 -1.95 -7.21 27.05
C PHE B 209 -0.45 -7.42 27.10
N GLY B 210 0.06 -8.23 26.18
CA GLY B 210 1.47 -8.57 26.16
C GLY B 210 2.34 -7.46 25.66
N VAL B 211 3.32 -7.05 26.45
CA VAL B 211 4.17 -5.93 26.10
C VAL B 211 5.61 -6.38 26.11
N GLY B 212 6.37 -5.92 25.12
CA GLY B 212 7.81 -6.08 25.13
C GLY B 212 8.34 -7.11 24.17
N GLY B 213 9.66 -7.16 24.08
CA GLY B 213 10.33 -7.95 23.07
C GLY B 213 10.20 -9.44 23.22
N THR B 214 10.23 -9.93 24.47
CA THR B 214 10.04 -11.36 24.72
C THR B 214 8.71 -11.82 24.19
N ILE B 215 7.68 -11.06 24.53
CA ILE B 215 6.35 -11.46 24.11
C ILE B 215 6.20 -11.30 22.60
N ARG B 216 6.81 -10.27 22.03
CA ARG B 216 6.79 -10.15 20.57
C ARG B 216 7.42 -11.37 19.91
N ALA B 217 8.61 -11.76 20.39
CA ALA B 217 9.30 -12.91 19.82
C ALA B 217 8.48 -14.21 19.93
N LEU B 218 7.85 -14.40 21.08
CA LEU B 218 7.05 -15.61 21.29
C LEU B 218 5.82 -15.58 20.41
N SER B 219 5.29 -14.38 20.17
CA SER B 219 4.13 -14.25 19.27
C SER B 219 4.52 -14.68 17.86
N LYS B 220 5.68 -14.25 17.43
CA LYS B 220 6.18 -14.63 16.10
C LYS B 220 6.33 -16.14 15.99
N VAL B 221 6.82 -16.77 17.05
CA VAL B 221 6.93 -18.24 17.06
C VAL B 221 5.58 -18.90 16.83
N LEU B 222 4.55 -18.46 17.54
CA LEU B 222 3.23 -19.05 17.38
C LEU B 222 2.66 -18.79 15.98
N MET B 223 2.89 -17.59 15.45
CA MET B 223 2.39 -17.29 14.10
C MET B 223 3.03 -18.21 13.07
N LYS B 224 4.33 -18.46 13.22
CA LYS B 224 5.03 -19.32 12.27
C LYS B 224 4.58 -20.77 12.42
N ARG B 225 4.44 -21.20 13.67
CA ARG B 225 4.09 -22.57 13.97
C ARG B 225 2.74 -22.98 13.38
N PHE B 226 1.79 -22.05 13.47
CA PHE B 226 0.44 -22.26 13.01
C PHE B 226 0.05 -21.71 11.62
N ASP B 227 1.03 -21.20 10.89
CA ASP B 227 0.82 -20.72 9.51
C ASP B 227 -0.22 -19.60 9.46
N TYR B 228 -0.08 -18.67 10.40
CA TYR B 228 -0.95 -17.51 10.52
C TYR B 228 -0.81 -16.59 9.32
N PRO B 229 -1.94 -16.22 8.68
CA PRO B 229 -1.99 -15.41 7.46
C PRO B 229 -1.64 -13.92 7.55
N ILE B 230 -1.64 -13.33 8.74
CA ILE B 230 -1.45 -11.89 8.88
C ILE B 230 -0.08 -11.54 9.50
N ASP B 231 0.61 -10.57 8.90
CA ASP B 231 1.99 -10.21 9.28
C ASP B 231 2.17 -9.31 10.52
N SER B 232 1.25 -8.38 10.76
CA SER B 232 1.44 -7.43 11.87
C SER B 232 1.45 -8.12 13.22
N LEU B 233 2.23 -7.60 14.16
CA LEU B 233 2.19 -8.08 15.54
C LEU B 233 1.06 -7.46 16.37
N HIS B 234 0.86 -6.15 16.24
CA HIS B 234 -0.10 -5.48 17.11
C HIS B 234 -1.51 -6.00 16.91
N GLY B 235 -2.14 -6.42 18.00
CA GLY B 235 -3.53 -6.87 17.94
C GLY B 235 -3.71 -8.34 17.62
N TYR B 236 -2.60 -9.05 17.54
CA TYR B 236 -2.61 -10.52 17.45
C TYR B 236 -3.24 -11.08 18.72
N GLU B 237 -4.16 -12.03 18.57
CA GLU B 237 -4.84 -12.62 19.74
C GLU B 237 -4.40 -14.05 19.94
N ILE B 238 -3.88 -14.32 21.12
CA ILE B 238 -3.37 -15.62 21.50
C ILE B 238 -4.30 -16.29 22.50
N ASP B 239 -4.66 -17.54 22.26
CA ASP B 239 -5.45 -18.26 23.25
C ASP B 239 -4.42 -18.70 24.29
N ALA B 240 -4.56 -18.19 25.52
CA ALA B 240 -3.50 -18.38 26.48
C ALA B 240 -3.49 -19.81 26.99
N HIS B 241 -4.69 -20.35 27.19
CA HIS B 241 -4.80 -21.69 27.73
C HIS B 241 -4.24 -22.67 26.71
N LYS B 242 -4.72 -22.53 25.48
CA LYS B 242 -4.33 -23.44 24.41
C LYS B 242 -2.81 -23.47 24.24
N ASN B 243 -2.16 -22.31 24.35
CA ASN B 243 -0.73 -22.23 24.08
C ASN B 243 0.22 -22.27 25.27
N LEU B 244 -0.32 -22.38 26.48
CA LEU B 244 0.49 -22.30 27.68
C LEU B 244 1.52 -23.42 27.73
N ALA B 245 1.12 -24.64 27.40
CA ALA B 245 2.04 -25.77 27.46
C ALA B 245 3.21 -25.60 26.50
N PHE B 246 2.94 -25.07 25.30
CA PHE B 246 4.01 -24.89 24.35
C PHE B 246 4.98 -23.82 24.82
N ILE B 247 4.46 -22.77 25.44
CA ILE B 247 5.33 -21.73 25.98
C ILE B 247 6.22 -22.31 27.08
N GLU B 248 5.65 -23.20 27.88
CA GLU B 248 6.42 -23.87 28.92
C GLU B 248 7.49 -24.76 28.34
N LYS B 249 7.19 -25.39 27.19
CA LYS B 249 8.15 -26.25 26.50
C LYS B 249 9.34 -25.47 25.95
N ILE B 250 9.08 -24.25 25.49
CA ILE B 250 10.16 -23.40 24.98
C ILE B 250 11.29 -23.18 25.98
N VAL B 251 10.95 -23.15 27.28
CA VAL B 251 11.93 -22.87 28.32
C VAL B 251 13.08 -23.87 28.26
N MET B 252 12.72 -25.12 27.98
CA MET B 252 13.68 -26.22 28.03
C MET B 252 14.31 -26.56 26.68
N LEU B 253 13.98 -25.82 25.63
CA LEU B 253 14.52 -26.13 24.30
C LEU B 253 15.99 -25.72 24.18
N LYS B 254 16.73 -26.45 23.36
CA LYS B 254 18.09 -26.06 22.99
C LYS B 254 18.03 -24.87 22.05
N GLU B 255 19.11 -24.11 21.96
CA GLU B 255 19.16 -22.96 21.05
C GLU B 255 18.88 -23.36 19.60
N ASP B 256 19.38 -24.51 19.18
CA ASP B 256 19.11 -24.96 17.80
C ASP B 256 17.63 -25.22 17.56
N GLN B 257 16.93 -25.67 18.59
CA GLN B 257 15.48 -25.89 18.48
C GLN B 257 14.78 -24.55 18.37
N LEU B 258 15.28 -23.56 19.11
CA LEU B 258 14.76 -22.20 19.00
C LEU B 258 14.97 -21.61 17.59
N ARG B 259 16.12 -21.89 16.98
CA ARG B 259 16.40 -21.42 15.63
C ARG B 259 15.40 -21.98 14.63
N LEU B 260 15.07 -23.26 14.79
CA LEU B 260 14.12 -23.93 13.90
C LEU B 260 12.71 -23.35 14.04
N LEU B 261 12.44 -22.74 15.20
CA LEU B 261 11.13 -22.11 15.42
C LEU B 261 11.13 -20.69 14.88
N GLY B 262 12.27 -20.27 14.33
CA GLY B 262 12.39 -18.97 13.71
C GLY B 262 12.88 -17.84 14.61
N VAL B 263 13.28 -18.18 15.82
CA VAL B 263 13.81 -17.17 16.74
C VAL B 263 15.09 -16.57 16.18
N ASN B 264 15.19 -15.24 16.25
CA ASN B 264 16.34 -14.55 15.67
C ASN B 264 17.58 -14.74 16.53
N GLU B 265 18.75 -14.65 15.91
CA GLU B 265 20.02 -14.93 16.58
C GLU B 265 20.21 -14.13 17.87
N GLU B 266 19.84 -12.87 17.86
CA GLU B 266 20.05 -12.01 19.02
C GLU B 266 19.04 -12.28 20.11
N ARG B 267 17.92 -12.91 19.75
CA ARG B 267 16.89 -13.27 20.73
C ARG B 267 17.17 -14.59 21.49
N LEU B 268 18.01 -15.44 20.92
CA LEU B 268 18.20 -16.81 21.43
C LEU B 268 18.58 -16.87 22.92
N ASP B 269 19.44 -15.96 23.37
CA ASP B 269 19.95 -16.12 24.72
C ASP B 269 18.98 -15.61 25.79
N SER B 270 18.05 -14.72 25.46
CA SER B 270 17.03 -14.35 26.45
C SER B 270 15.62 -14.93 26.35
N ILE B 271 15.28 -15.67 25.29
CA ILE B 271 13.86 -15.96 25.10
C ILE B 271 13.36 -17.05 26.06
N ARG B 272 14.24 -17.95 26.50
CA ARG B 272 13.80 -19.03 27.40
C ARG B 272 13.44 -18.52 28.80
N SER B 273 14.29 -17.66 29.37
N SER B 273 14.27 -17.67 29.39
CA SER B 273 13.99 -17.02 30.63
CA SER B 273 13.91 -17.09 30.68
C SER B 273 12.70 -16.21 30.51
C SER B 273 12.66 -16.21 30.52
N GLY B 274 12.51 -15.60 29.35
CA GLY B 274 11.31 -14.82 29.08
C GLY B 274 10.06 -15.69 29.05
N ALA B 275 10.16 -16.83 28.38
CA ALA B 275 9.04 -17.78 28.32
C ALA B 275 8.66 -18.31 29.70
N LEU B 276 9.68 -18.54 30.52
CA LEU B 276 9.45 -19.02 31.88
C LEU B 276 8.66 -17.99 32.69
N ILE B 277 9.09 -16.73 32.65
CA ILE B 277 8.35 -15.69 33.35
C ILE B 277 6.91 -15.60 32.82
N LEU B 278 6.77 -15.54 31.49
CA LEU B 278 5.45 -15.41 30.88
C LEU B 278 4.52 -16.56 31.31
N SER B 279 5.01 -17.78 31.24
CA SER B 279 4.16 -18.93 31.64
C SER B 279 3.69 -18.86 33.11
N VAL B 280 4.57 -18.44 34.02
CA VAL B 280 4.19 -18.32 35.43
C VAL B 280 3.15 -17.21 35.61
N VAL B 281 3.37 -16.08 34.94
CA VAL B 281 2.45 -14.97 35.08
C VAL B 281 1.06 -15.28 34.51
N LEU B 282 1.01 -15.83 33.29
CA LEU B 282 -0.27 -16.16 32.65
C LEU B 282 -1.06 -17.13 33.52
N GLU B 283 -0.36 -18.08 34.09
CA GLU B 283 -1.05 -19.08 34.91
C GLU B 283 -1.65 -18.41 36.15
N HIS B 284 -0.88 -17.50 36.74
CA HIS B 284 -1.32 -16.85 37.97
C HIS B 284 -2.48 -15.87 37.74
N LEU B 285 -2.44 -15.13 36.62
CA LEU B 285 -3.50 -14.17 36.31
C LEU B 285 -4.77 -14.82 35.80
N LYS B 286 -4.67 -16.11 35.46
CA LYS B 286 -5.80 -16.89 34.94
C LYS B 286 -6.25 -16.35 33.59
N THR B 287 -5.28 -15.87 32.82
CA THR B 287 -5.53 -15.33 31.50
C THR B 287 -6.13 -16.32 30.52
N SER B 288 -7.24 -15.93 29.88
N SER B 288 -7.14 -15.86 29.79
CA SER B 288 -7.81 -16.61 28.71
CA SER B 288 -7.71 -16.61 28.68
C SER B 288 -7.34 -16.13 27.31
C SER B 288 -7.09 -16.11 27.39
N LEU B 289 -7.24 -14.81 27.17
CA LEU B 289 -6.80 -14.16 25.94
C LEU B 289 -5.60 -13.26 26.18
N MET B 290 -4.50 -13.47 25.48
CA MET B 290 -3.44 -12.48 25.51
C MET B 290 -3.40 -11.74 24.17
N ILE B 291 -3.48 -10.42 24.21
CA ILE B 291 -3.34 -9.65 22.99
C ILE B 291 -1.90 -9.20 22.90
N THR B 292 -1.23 -9.48 21.80
CA THR B 292 0.12 -8.95 21.58
C THR B 292 0.06 -7.47 21.28
N SER B 293 0.77 -6.68 22.07
CA SER B 293 0.76 -5.24 21.95
C SER B 293 2.05 -4.82 21.30
N GLY B 294 1.95 -4.00 20.27
CA GLY B 294 3.13 -3.45 19.66
C GLY B 294 3.46 -2.12 20.32
N VAL B 295 2.81 -1.84 21.44
CA VAL B 295 2.99 -0.56 22.13
C VAL B 295 3.40 -0.84 23.56
N GLY B 296 3.89 0.19 24.24
CA GLY B 296 4.59 -0.01 25.50
C GLY B 296 4.94 1.34 26.11
N VAL B 297 5.95 1.34 26.97
CA VAL B 297 6.39 2.54 27.66
C VAL B 297 6.60 3.76 26.73
N ARG B 298 7.21 3.57 25.57
CA ARG B 298 7.48 4.70 24.67
C ARG B 298 6.17 5.39 24.24
N GLU B 299 5.18 4.60 23.85
CA GLU B 299 3.87 5.18 23.52
C GLU B 299 3.19 5.83 24.70
N GLY B 300 3.33 5.23 25.89
CA GLY B 300 2.70 5.78 27.06
C GLY B 300 3.29 7.13 27.43
N VAL B 301 4.62 7.27 27.27
CA VAL B 301 5.30 8.54 27.51
C VAL B 301 4.79 9.59 26.52
N PHE B 302 4.71 9.22 25.25
CA PHE B 302 4.19 10.12 24.23
C PHE B 302 2.74 10.51 24.53
N LEU B 303 1.89 9.54 24.83
CA LEU B 303 0.50 9.83 25.13
C LEU B 303 0.33 10.66 26.39
N SER B 304 1.26 10.53 27.35
CA SER B 304 1.22 11.39 28.53
C SER B 304 1.49 12.84 28.17
N ASP B 305 2.34 13.05 27.17
CA ASP B 305 2.62 14.39 26.66
C ASP B 305 1.53 14.90 25.70
N LEU B 306 0.93 14.00 24.94
CA LEU B 306 -0.09 14.38 23.96
C LEU B 306 -1.39 14.75 24.63
N LEU B 307 -1.84 13.90 25.54
CA LEU B 307 -3.16 14.08 26.09
C LEU B 307 -3.02 14.73 27.47
N ARG B 308 -3.37 16.00 27.56
CA ARG B 308 -3.23 16.60 28.86
C ARG B 308 -4.61 16.74 29.46
N ASN B 309 -4.82 15.85 30.42
CA ASN B 309 -5.97 15.80 31.29
C ASN B 309 -5.50 14.77 32.29
N HIS B 310 -6.30 14.47 33.31
CA HIS B 310 -5.77 13.74 34.45
C HIS B 310 -5.29 12.31 34.11
N TYR B 311 -6.12 11.55 33.40
CA TYR B 311 -5.77 10.16 33.10
C TYR B 311 -5.10 9.94 31.74
N HIS B 312 -4.97 11.00 30.95
CA HIS B 312 -4.39 10.87 29.62
C HIS B 312 -5.16 9.84 28.77
N LYS B 313 -6.42 10.15 28.46
CA LYS B 313 -7.25 9.25 27.68
C LYS B 313 -7.80 9.98 26.44
N PHE B 314 -7.98 9.25 25.33
CA PHE B 314 -8.62 9.84 24.17
C PHE B 314 -10.10 10.08 24.46
N PRO B 315 -10.66 11.15 23.88
CA PRO B 315 -12.10 11.39 23.99
C PRO B 315 -12.87 10.21 23.42
N PRO B 316 -14.14 10.05 23.81
CA PRO B 316 -14.96 8.97 23.27
C PRO B 316 -15.00 8.97 21.73
N ASN B 317 -14.94 7.77 21.15
CA ASN B 317 -15.01 7.61 19.70
C ASN B 317 -13.90 8.30 18.91
N ILE B 318 -12.71 8.39 19.51
CA ILE B 318 -11.54 8.91 18.82
C ILE B 318 -10.50 7.79 18.70
N ASN B 319 -10.15 7.42 17.47
CA ASN B 319 -9.11 6.40 17.23
C ASN B 319 -7.92 7.02 16.48
N PRO B 320 -6.75 7.10 17.14
CA PRO B 320 -5.63 7.78 16.48
C PRO B 320 -5.15 7.11 15.19
N SER B 321 -5.31 5.80 15.05
N SER B 321 -5.31 5.81 15.08
CA SER B 321 -4.81 5.14 13.86
CA SER B 321 -4.84 5.11 13.90
C SER B 321 -5.76 5.37 12.68
C SER B 321 -5.75 5.41 12.70
N LEU B 322 -7.05 5.28 12.91
CA LEU B 322 -8.03 5.55 11.87
C LEU B 322 -7.96 7.03 11.46
N ILE B 323 -7.85 7.92 12.44
CA ILE B 323 -7.73 9.35 12.16
C ILE B 323 -6.46 9.70 11.36
N SER B 324 -5.33 9.13 11.75
N SER B 324 -5.32 9.13 11.75
CA SER B 324 -4.07 9.44 11.07
CA SER B 324 -4.08 9.46 11.06
C SER B 324 -4.02 8.84 9.67
C SER B 324 -4.04 8.85 9.66
N LEU B 325 -4.68 7.70 9.49
CA LEU B 325 -4.75 7.06 8.18
C LEU B 325 -5.47 8.00 7.21
N LYS B 326 -6.58 8.55 7.68
CA LYS B 326 -7.34 9.49 6.86
C LYS B 326 -6.57 10.82 6.68
N ASP B 327 -5.89 11.29 7.72
CA ASP B 327 -5.07 12.48 7.58
C ASP B 327 -4.05 12.35 6.46
N ARG B 328 -3.38 11.21 6.42
N ARG B 328 -3.38 11.20 6.41
CA ARG B 328 -2.33 10.99 5.44
CA ARG B 328 -2.32 10.98 5.44
C ARG B 328 -2.87 10.71 4.05
C ARG B 328 -2.85 10.69 4.04
N PHE B 329 -3.77 9.74 3.95
CA PHE B 329 -4.28 9.27 2.67
C PHE B 329 -5.69 9.65 2.18
N LEU B 330 -6.47 10.27 3.05
CA LEU B 330 -7.84 10.65 2.70
C LEU B 330 -8.24 11.96 3.37
N PRO B 331 -7.56 13.06 3.00
CA PRO B 331 -7.88 14.34 3.66
C PRO B 331 -9.27 14.91 3.35
N HIS B 332 -9.89 14.51 2.24
CA HIS B 332 -11.27 14.94 1.94
C HIS B 332 -12.27 13.89 2.39
N GLU B 333 -13.06 14.22 3.41
CA GLU B 333 -13.90 13.24 4.09
C GLU B 333 -15.36 13.14 3.64
N LYS B 334 -15.81 14.00 2.73
CA LYS B 334 -17.23 14.01 2.39
C LYS B 334 -17.73 12.69 1.77
N HIS B 335 -17.03 12.22 0.74
CA HIS B 335 -17.47 11.01 0.04
C HIS B 335 -17.48 9.79 0.97
N SER B 336 -16.39 9.61 1.70
CA SER B 336 -16.27 8.47 2.60
C SER B 336 -17.42 8.48 3.62
N GLN B 337 -17.75 9.66 4.13
CA GLN B 337 -18.84 9.79 5.09
C GLN B 337 -20.19 9.39 4.50
N LYS B 338 -20.47 9.85 3.28
CA LYS B 338 -21.73 9.52 2.63
C LYS B 338 -21.84 8.02 2.38
N VAL B 339 -20.75 7.39 1.94
CA VAL B 339 -20.80 5.95 1.68
C VAL B 339 -21.09 5.22 3.00
N LYS B 340 -20.40 5.63 4.06
CA LYS B 340 -20.64 5.03 5.37
C LYS B 340 -22.11 5.16 5.78
N LYS B 341 -22.67 6.34 5.60
CA LYS B 341 -24.07 6.57 5.92
C LYS B 341 -25.04 5.68 5.15
N GLU B 342 -24.81 5.49 3.86
CA GLU B 342 -25.69 4.63 3.07
C GLU B 342 -25.48 3.16 3.43
N CYS B 343 -24.25 2.78 3.80
CA CYS B 343 -24.01 1.42 4.28
C CYS B 343 -24.90 1.12 5.48
N VAL B 344 -24.95 2.06 6.42
CA VAL B 344 -25.78 1.88 7.61
C VAL B 344 -27.27 1.74 7.26
N LYS B 345 -27.78 2.64 6.42
CA LYS B 345 -29.18 2.60 6.02
C LYS B 345 -29.53 1.31 5.28
N LEU B 346 -28.63 0.86 4.40
CA LEU B 346 -28.86 -0.39 3.69
C LEU B 346 -28.86 -1.60 4.62
N PHE B 347 -27.89 -1.65 5.53
CA PHE B 347 -27.81 -2.73 6.52
C PHE B 347 -29.13 -2.81 7.31
N GLU B 348 -29.63 -1.66 7.74
CA GLU B 348 -30.91 -1.62 8.45
C GLU B 348 -32.09 -2.10 7.59
N ALA B 349 -32.23 -1.58 6.37
CA ALA B 349 -33.33 -1.99 5.51
C ALA B 349 -33.29 -3.48 5.20
N LEU B 350 -32.10 -4.05 5.05
CA LEU B 350 -31.98 -5.44 4.62
C LEU B 350 -31.93 -6.45 5.77
N SER B 351 -31.96 -5.95 7.00
CA SER B 351 -31.74 -6.76 8.19
C SER B 351 -32.74 -7.93 8.33
N PRO B 352 -34.01 -7.75 7.90
CA PRO B 352 -34.92 -8.89 7.97
C PRO B 352 -34.45 -10.07 7.13
N LEU B 353 -33.87 -9.78 5.97
CA LEU B 353 -33.28 -10.84 5.14
C LEU B 353 -31.98 -11.37 5.71
N HIS B 354 -31.02 -10.50 5.98
CA HIS B 354 -29.69 -11.00 6.35
C HIS B 354 -29.53 -11.44 7.80
N LYS B 355 -30.27 -10.81 8.73
CA LYS B 355 -30.22 -11.19 10.15
C LYS B 355 -28.82 -11.18 10.72
N ILE B 356 -27.98 -10.29 10.22
CA ILE B 356 -26.59 -10.25 10.67
C ILE B 356 -26.45 -9.51 12.00
N ASP B 357 -25.61 -10.06 12.87
CA ASP B 357 -25.31 -9.48 14.18
C ASP B 357 -24.85 -8.02 14.03
N GLU B 358 -25.47 -7.11 14.79
CA GLU B 358 -25.18 -5.69 14.62
C GLU B 358 -23.74 -5.32 14.97
N LYS B 359 -23.03 -6.24 15.62
CA LYS B 359 -21.63 -5.99 15.93
C LYS B 359 -20.81 -5.76 14.65
N TYR B 360 -21.29 -6.27 13.52
CA TYR B 360 -20.54 -6.14 12.27
C TYR B 360 -20.77 -4.78 11.58
N LEU B 361 -21.71 -4.01 12.11
N LEU B 361 -21.73 -4.01 12.09
CA LEU B 361 -21.91 -2.65 11.63
CA LEU B 361 -21.91 -2.63 11.63
C LEU B 361 -20.66 -1.80 11.87
C LEU B 361 -20.62 -1.83 11.84
N PHE B 362 -19.93 -2.12 12.94
CA PHE B 362 -18.64 -1.52 13.20
C PHE B 362 -17.70 -1.67 12.00
N HIS B 363 -17.59 -2.90 11.48
CA HIS B 363 -16.66 -3.16 10.39
C HIS B 363 -17.15 -2.60 9.07
N LEU B 364 -18.45 -2.71 8.84
CA LEU B 364 -19.05 -2.19 7.60
C LEU B 364 -18.83 -0.68 7.50
N LYS B 365 -19.05 0.02 8.61
CA LYS B 365 -18.90 1.48 8.64
C LYS B 365 -17.48 1.90 8.31
N ILE B 366 -16.49 1.25 8.90
CA ILE B 366 -15.11 1.58 8.58
C ILE B 366 -14.71 1.21 7.15
N ALA B 367 -15.20 0.08 6.65
CA ALA B 367 -14.96 -0.25 5.25
C ALA B 367 -15.55 0.83 4.37
N GLY B 368 -16.72 1.30 4.75
CA GLY B 368 -17.38 2.35 3.98
C GLY B 368 -16.56 3.62 3.90
N GLU B 369 -15.93 3.99 5.01
CA GLU B 369 -15.07 5.18 5.07
C GLU B 369 -13.80 5.00 4.27
N LEU B 370 -13.20 3.81 4.36
CA LEU B 370 -11.89 3.56 3.76
C LEU B 370 -11.82 2.86 2.40
N ALA B 371 -12.96 2.45 1.84
CA ALA B 371 -12.94 1.61 0.62
C ALA B 371 -12.19 2.23 -0.55
N SER B 372 -12.26 3.54 -0.68
CA SER B 372 -11.65 4.28 -1.79
CA SER B 372 -11.61 4.22 -1.81
C SER B 372 -10.24 4.80 -1.49
N MET B 373 -9.73 4.54 -0.29
CA MET B 373 -8.43 5.07 0.12
C MET B 373 -7.32 4.72 -0.87
N GLY B 374 -7.39 3.52 -1.41
CA GLY B 374 -6.34 3.04 -2.29
C GLY B 374 -6.14 3.79 -3.59
N LYS B 375 -7.08 4.68 -3.92
CA LYS B 375 -6.93 5.51 -5.11
C LYS B 375 -5.73 6.43 -5.02
N ILE B 376 -5.24 6.67 -3.80
CA ILE B 376 -4.08 7.53 -3.62
C ILE B 376 -2.88 6.85 -4.25
N LEU B 377 -2.98 5.55 -4.47
CA LEU B 377 -1.89 4.78 -5.07
C LEU B 377 -2.14 4.59 -6.55
N SER B 378 -3.22 3.89 -6.89
CA SER B 378 -3.57 3.66 -8.28
C SER B 378 -5.08 3.49 -8.45
N VAL B 379 -5.60 3.89 -9.61
CA VAL B 379 -7.01 3.63 -9.91
C VAL B 379 -7.23 2.15 -10.22
N TYR B 380 -6.21 1.53 -10.81
CA TYR B 380 -6.31 0.13 -11.18
C TYR B 380 -6.17 -0.71 -9.92
N LEU B 381 -7.19 -1.53 -9.64
CA LEU B 381 -7.24 -2.35 -8.43
C LEU B 381 -7.27 -1.52 -7.16
N ALA B 382 -7.93 -0.38 -7.21
CA ALA B 382 -7.96 0.53 -6.08
C ALA B 382 -8.47 -0.15 -4.81
N HIS B 383 -9.44 -1.05 -4.95
CA HIS B 383 -10.00 -1.69 -3.77
C HIS B 383 -9.02 -2.66 -3.13
N LYS B 384 -8.24 -3.33 -3.97
CA LYS B 384 -7.15 -4.18 -3.47
C LYS B 384 -6.16 -3.35 -2.67
N HIS B 385 -5.85 -2.15 -3.16
CA HIS B 385 -4.92 -1.25 -2.46
C HIS B 385 -5.48 -0.74 -1.14
N SER B 386 -6.76 -0.36 -1.10
CA SER B 386 -7.39 -0.02 0.15
C SER B 386 -7.24 -1.16 1.17
N ALA B 387 -7.55 -2.38 0.73
CA ALA B 387 -7.43 -3.55 1.58
C ALA B 387 -6.01 -3.69 2.11
N TYR B 388 -5.04 -3.48 1.22
CA TYR B 388 -3.63 -3.56 1.60
C TYR B 388 -3.28 -2.53 2.68
N PHE B 389 -3.76 -1.31 2.50
CA PHE B 389 -3.55 -0.23 3.46
C PHE B 389 -4.20 -0.59 4.80
N ILE B 390 -5.44 -1.08 4.73
CA ILE B 390 -6.20 -1.42 5.91
C ILE B 390 -5.50 -2.51 6.74
N LEU B 391 -5.13 -3.59 6.08
CA LEU B 391 -4.52 -4.73 6.74
C LEU B 391 -3.20 -4.33 7.35
N ASN B 392 -2.40 -3.61 6.59
CA ASN B 392 -1.07 -3.25 7.05
C ASN B 392 -0.97 -2.01 7.96
N ALA B 393 -1.72 -0.95 7.67
CA ALA B 393 -1.65 0.27 8.49
C ALA B 393 -2.73 0.54 9.56
N LEU B 394 -3.77 -0.26 9.70
CA LEU B 394 -4.79 0.13 10.66
C LEU B 394 -4.52 -0.68 11.90
N SER B 395 -3.99 -0.02 12.92
CA SER B 395 -3.31 -0.75 13.99
C SER B 395 -3.96 -0.48 15.34
N TYR B 396 -3.73 0.71 15.88
CA TYR B 396 -4.25 1.01 17.21
C TYR B 396 -5.75 0.82 17.28
N GLY B 397 -6.23 0.05 18.25
CA GLY B 397 -7.66 -0.02 18.51
C GLY B 397 -8.35 -1.09 17.67
N PHE B 398 -7.59 -1.83 16.88
CA PHE B 398 -8.14 -2.92 16.07
C PHE B 398 -7.45 -4.25 16.29
N SER B 399 -8.24 -5.30 16.45
CA SER B 399 -7.73 -6.67 16.42
C SER B 399 -7.39 -7.10 15.00
N HIS B 400 -6.57 -8.14 14.87
CA HIS B 400 -6.34 -8.71 13.54
C HIS B 400 -7.64 -9.14 12.87
N GLN B 401 -8.53 -9.73 13.66
CA GLN B 401 -9.84 -10.16 13.17
C GLN B 401 -10.66 -8.95 12.63
N ASP B 402 -10.68 -7.86 13.39
CA ASP B 402 -11.25 -6.59 12.89
C ASP B 402 -10.69 -6.19 11.53
N ARG B 403 -9.37 -6.13 11.43
CA ARG B 403 -8.73 -5.74 10.18
C ARG B 403 -9.04 -6.72 9.06
N ALA B 404 -9.11 -7.99 9.42
CA ALA B 404 -9.43 -9.01 8.41
C ALA B 404 -10.79 -8.76 7.80
N ILE B 405 -11.79 -8.55 8.65
CA ILE B 405 -13.14 -8.36 8.15
C ILE B 405 -13.21 -7.12 7.28
N ILE B 406 -12.68 -6.00 7.79
CA ILE B 406 -12.72 -4.75 7.05
C ILE B 406 -11.99 -4.82 5.71
N CYS B 407 -10.80 -5.41 5.73
N CYS B 407 -10.80 -5.39 5.72
N CYS B 407 -10.81 -5.43 5.68
CA CYS B 407 -9.99 -5.60 4.55
CA CYS B 407 -10.02 -5.58 4.50
CA CYS B 407 -10.06 -5.48 4.44
C CYS B 407 -10.76 -6.37 3.47
C CYS B 407 -10.82 -6.35 3.46
C CYS B 407 -10.75 -6.38 3.42
N LEU B 408 -11.42 -7.44 3.89
CA LEU B 408 -12.16 -8.32 2.98
C LEU B 408 -13.33 -7.63 2.32
N LEU B 409 -14.08 -6.85 3.10
CA LEU B 409 -15.24 -6.16 2.56
C LEU B 409 -14.79 -5.23 1.45
N ALA B 410 -13.68 -4.53 1.68
CA ALA B 410 -13.17 -3.62 0.67
C ALA B 410 -12.59 -4.36 -0.53
N GLN B 411 -11.75 -5.35 -0.26
CA GLN B 411 -11.03 -6.03 -1.32
C GLN B 411 -11.97 -6.62 -2.36
N PHE B 412 -13.05 -7.22 -1.86
CA PHE B 412 -14.01 -7.97 -2.69
C PHE B 412 -15.25 -7.18 -3.13
N SER B 413 -15.23 -5.86 -2.90
CA SER B 413 -16.31 -5.01 -3.40
C SER B 413 -16.57 -5.32 -4.89
N HIS B 414 -17.84 -5.49 -5.24
CA HIS B 414 -18.26 -5.87 -6.60
C HIS B 414 -17.70 -7.21 -7.08
N LYS B 415 -17.35 -8.08 -6.14
CA LYS B 415 -16.79 -9.40 -6.45
C LYS B 415 -17.37 -10.49 -5.56
N LYS B 416 -17.27 -11.73 -6.03
CA LYS B 416 -17.58 -12.88 -5.20
C LYS B 416 -16.40 -13.22 -4.30
N ILE B 417 -16.63 -13.37 -3.00
CA ILE B 417 -15.56 -13.81 -2.10
C ILE B 417 -15.33 -15.32 -2.30
N PRO B 418 -14.08 -15.71 -2.58
CA PRO B 418 -13.67 -17.10 -2.80
C PRO B 418 -13.88 -17.95 -1.55
N LYS B 419 -14.15 -19.24 -1.71
CA LYS B 419 -14.32 -20.13 -0.57
C LYS B 419 -12.98 -20.39 0.15
N ASP B 420 -11.89 -20.25 -0.58
CA ASP B 420 -10.56 -20.65 -0.12
C ASP B 420 -9.73 -19.54 0.54
N ASN B 421 -10.31 -18.36 0.75
CA ASN B 421 -9.53 -17.22 1.22
C ASN B 421 -8.94 -17.41 2.62
N ALA B 422 -7.63 -17.25 2.77
CA ALA B 422 -6.95 -17.51 4.03
C ALA B 422 -7.33 -16.53 5.16
N ILE B 423 -7.49 -15.26 4.81
CA ILE B 423 -7.84 -14.26 5.81
C ILE B 423 -9.26 -14.49 6.32
N ALA B 424 -10.15 -14.93 5.42
CA ALA B 424 -11.53 -15.23 5.80
C ALA B 424 -11.60 -16.32 6.87
N HIS B 425 -10.61 -17.23 6.81
CA HIS B 425 -10.43 -18.37 7.71
C HIS B 425 -9.48 -18.16 8.90
N MET B 426 -9.04 -16.91 9.11
CA MET B 426 -7.97 -16.67 10.08
CA MET B 426 -8.02 -16.57 10.10
C MET B 426 -8.29 -17.12 11.51
N SER B 427 -9.56 -17.30 11.84
CA SER B 427 -9.93 -17.84 13.16
C SER B 427 -11.30 -18.50 13.10
N ALA B 428 -11.62 -19.35 14.08
CA ALA B 428 -12.91 -20.02 14.07
C ALA B 428 -14.05 -19.03 14.34
N MET B 429 -13.69 -17.85 14.80
CA MET B 429 -14.69 -16.87 15.22
C MET B 429 -15.03 -15.88 14.10
N MET B 430 -14.38 -16.02 12.95
CA MET B 430 -14.66 -15.15 11.81
C MET B 430 -16.11 -15.32 11.38
N PRO B 431 -16.71 -14.26 10.83
CA PRO B 431 -18.05 -14.39 10.26
C PRO B 431 -18.07 -15.40 9.10
N SER B 432 -19.25 -15.95 8.84
CA SER B 432 -19.43 -16.89 7.75
C SER B 432 -19.19 -16.20 6.41
N LEU B 433 -18.83 -16.97 5.40
CA LEU B 433 -18.63 -16.43 4.07
C LEU B 433 -19.87 -15.65 3.62
N LEU B 434 -21.05 -16.18 3.97
CA LEU B 434 -22.31 -15.56 3.56
C LEU B 434 -22.47 -14.19 4.21
N THR B 435 -22.12 -14.10 5.48
CA THR B 435 -22.13 -12.82 6.17
C THR B 435 -21.16 -11.82 5.53
N LEU B 436 -19.96 -12.27 5.22
CA LEU B 436 -18.99 -11.40 4.56
C LEU B 436 -19.49 -10.97 3.17
N GLN B 437 -20.11 -11.89 2.43
CA GLN B 437 -20.62 -11.52 1.12
C GLN B 437 -21.74 -10.49 1.23
N TRP B 438 -22.59 -10.64 2.24
CA TRP B 438 -23.67 -9.67 2.49
C TRP B 438 -23.08 -8.30 2.73
N LEU B 439 -22.09 -8.25 3.60
CA LEU B 439 -21.51 -6.97 3.99
C LEU B 439 -20.79 -6.33 2.80
N SER B 440 -20.06 -7.13 2.04
CA SER B 440 -19.37 -6.58 0.88
C SER B 440 -20.37 -6.13 -0.22
N PHE B 441 -21.48 -6.86 -0.38
CA PHE B 441 -22.56 -6.43 -1.29
C PHE B 441 -23.12 -5.08 -0.87
N ILE B 442 -23.41 -4.93 0.43
CA ILE B 442 -23.97 -3.66 0.90
C ILE B 442 -23.01 -2.50 0.61
N LEU B 443 -21.72 -2.68 0.90
CA LEU B 443 -20.72 -1.68 0.57
C LEU B 443 -20.71 -1.34 -0.92
N SER B 444 -20.78 -2.38 -1.75
CA SER B 444 -20.74 -2.23 -3.21
C SER B 444 -21.90 -1.39 -3.70
N LEU B 445 -23.09 -1.67 -3.21
CA LEU B 445 -24.27 -0.92 -3.65
C LEU B 445 -24.20 0.52 -3.15
N ALA B 446 -23.75 0.72 -1.91
CA ALA B 446 -23.56 2.07 -1.39
C ALA B 446 -22.60 2.88 -2.26
N GLU B 447 -21.50 2.24 -2.66
CA GLU B 447 -20.55 2.89 -3.54
C GLU B 447 -21.20 3.32 -4.84
N ASN B 448 -21.97 2.44 -5.46
CA ASN B 448 -22.65 2.79 -6.72
C ASN B 448 -23.57 3.99 -6.54
N LEU B 449 -24.33 3.97 -5.45
CA LEU B 449 -25.34 5.01 -5.22
C LEU B 449 -24.71 6.36 -4.89
N CYS B 450 -23.51 6.34 -4.32
CA CYS B 450 -22.83 7.56 -3.93
C CYS B 450 -21.86 8.10 -4.98
N LEU B 451 -21.78 7.45 -6.13
CA LEU B 451 -20.87 7.89 -7.19
C LEU B 451 -21.19 9.33 -7.59
N THR B 452 -22.46 9.60 -7.82
CA THR B 452 -22.89 10.90 -8.29
C THR B 452 -23.34 11.76 -7.12
N ASP B 453 -23.91 12.92 -7.42
CA ASP B 453 -24.38 13.72 -6.31
C ASP B 453 -25.83 13.33 -6.14
N SER B 454 -26.08 12.62 -5.05
CA SER B 454 -27.35 11.95 -4.83
C SER B 454 -27.76 12.25 -3.40
N HIS B 455 -28.92 12.87 -3.23
CA HIS B 455 -29.36 13.23 -1.89
CA HIS B 455 -29.37 13.27 -1.90
C HIS B 455 -30.68 12.57 -1.53
N HIS B 456 -30.88 12.34 -0.24
CA HIS B 456 -32.13 11.81 0.28
C HIS B 456 -32.48 10.40 -0.21
N LEU B 457 -31.48 9.55 -0.35
CA LEU B 457 -31.73 8.15 -0.64
C LEU B 457 -32.54 7.52 0.48
N LYS B 458 -33.46 6.63 0.13
CA LYS B 458 -34.19 5.87 1.13
C LYS B 458 -34.40 4.45 0.62
N TYR B 459 -34.36 3.49 1.53
CA TYR B 459 -34.51 2.09 1.15
C TYR B 459 -35.63 1.44 1.93
N THR B 460 -36.44 0.65 1.24
CA THR B 460 -37.44 -0.15 1.89
C THR B 460 -37.33 -1.58 1.41
N LEU B 461 -37.80 -2.51 2.23
CA LEU B 461 -37.86 -3.89 1.83
C LEU B 461 -39.32 -4.30 1.70
N GLU B 462 -39.74 -4.56 0.47
CA GLU B 462 -41.07 -5.07 0.21
C GLU B 462 -40.94 -6.49 -0.33
N LYS B 463 -41.35 -7.46 0.49
CA LYS B 463 -41.09 -8.90 0.30
C LYS B 463 -39.59 -9.25 0.20
N ASN B 464 -39.21 -9.87 -0.91
CA ASN B 464 -37.82 -10.23 -1.18
C ASN B 464 -37.14 -9.04 -1.87
N LYS B 465 -37.88 -7.94 -2.00
CA LYS B 465 -37.46 -6.86 -2.89
C LYS B 465 -36.89 -5.65 -2.17
N LEU B 466 -35.66 -5.29 -2.54
CA LEU B 466 -35.05 -4.05 -2.05
C LEU B 466 -35.44 -2.93 -3.01
N VAL B 467 -36.03 -1.88 -2.46
CA VAL B 467 -36.47 -0.76 -3.28
C VAL B 467 -35.69 0.50 -2.92
N ILE B 468 -35.09 1.09 -3.93
CA ILE B 468 -34.25 2.27 -3.79
C ILE B 468 -35.07 3.49 -4.17
N HIS B 469 -35.30 4.36 -3.20
CA HIS B 469 -36.08 5.58 -3.40
C HIS B 469 -35.17 6.78 -3.53
N SER B 470 -35.28 7.49 -4.64
CA SER B 470 -34.47 8.67 -4.87
C SER B 470 -35.19 9.66 -5.78
N ASN B 471 -34.93 10.95 -5.60
CA ASN B 471 -35.44 11.99 -6.50
C ASN B 471 -34.61 12.11 -7.77
N ASP B 472 -33.39 11.59 -7.72
CA ASP B 472 -32.46 11.60 -8.86
C ASP B 472 -32.72 10.51 -9.89
N ALA B 473 -32.27 10.78 -11.12
CA ALA B 473 -32.32 9.81 -12.21
C ALA B 473 -31.47 8.56 -11.95
N LEU B 474 -30.34 8.73 -11.28
CA LEU B 474 -29.40 7.65 -10.97
C LEU B 474 -29.08 6.79 -12.18
N TYR B 475 -28.78 7.45 -13.29
CA TYR B 475 -28.57 6.74 -14.55
C TYR B 475 -27.40 5.75 -14.45
N LEU B 476 -26.28 6.20 -13.94
CA LEU B 476 -25.09 5.34 -13.88
C LEU B 476 -25.30 4.19 -12.91
N ALA B 477 -25.95 4.48 -11.79
CA ALA B 477 -26.16 3.44 -10.79
C ALA B 477 -27.09 2.36 -11.33
N LYS B 478 -28.12 2.76 -12.09
CA LYS B 478 -28.97 1.78 -12.75
C LYS B 478 -28.18 0.96 -13.77
N GLU B 479 -27.30 1.61 -14.52
CA GLU B 479 -26.49 0.91 -15.53
C GLU B 479 -25.61 -0.16 -14.87
N MET B 480 -25.14 0.16 -13.68
CA MET B 480 -24.13 -0.66 -12.99
C MET B 480 -24.71 -1.86 -12.25
N LEU B 481 -26.03 -1.85 -12.08
CA LEU B 481 -26.69 -2.78 -11.17
C LEU B 481 -26.36 -4.24 -11.42
N PRO B 482 -26.37 -4.67 -12.68
CA PRO B 482 -26.00 -6.05 -13.02
C PRO B 482 -24.57 -6.46 -12.67
N LYS B 483 -23.66 -5.52 -12.44
CA LYS B 483 -22.30 -5.94 -12.08
C LYS B 483 -22.13 -6.19 -10.57
N LEU B 484 -23.19 -6.02 -9.79
CA LEU B 484 -23.12 -6.34 -8.37
C LEU B 484 -23.17 -7.84 -8.14
N VAL B 485 -22.41 -8.31 -7.17
CA VAL B 485 -22.49 -9.70 -6.77
C VAL B 485 -23.41 -9.81 -5.56
N LYS B 486 -24.57 -10.44 -5.72
CA LYS B 486 -25.52 -10.58 -4.63
C LYS B 486 -25.23 -11.79 -3.75
N PRO B 487 -25.43 -11.65 -2.45
CA PRO B 487 -25.22 -12.72 -1.47
C PRO B 487 -26.25 -13.83 -1.63
N ILE B 488 -27.47 -13.43 -1.92
CA ILE B 488 -28.58 -14.34 -2.23
C ILE B 488 -29.33 -13.75 -3.39
N PRO B 489 -30.15 -14.58 -4.09
CA PRO B 489 -30.94 -13.93 -5.14
C PRO B 489 -31.83 -12.91 -4.48
N LEU B 490 -31.77 -11.70 -5.01
CA LEU B 490 -32.44 -10.57 -4.42
C LEU B 490 -32.94 -9.69 -5.53
N THR B 491 -34.20 -9.28 -5.48
CA THR B 491 -34.66 -8.33 -6.47
C THR B 491 -34.36 -6.90 -5.99
N ILE B 492 -33.72 -6.12 -6.84
CA ILE B 492 -33.42 -4.73 -6.53
C ILE B 492 -34.10 -3.82 -7.54
N GLU B 493 -34.91 -2.90 -7.05
CA GLU B 493 -35.65 -2.00 -7.92
C GLU B 493 -35.42 -0.55 -7.54
N PHE B 494 -35.44 0.32 -8.53
CA PHE B 494 -35.41 1.76 -8.28
C PHE B 494 -36.81 2.29 -8.43
N ALA B 495 -37.35 2.90 -7.38
CA ALA B 495 -38.69 3.47 -7.43
C ALA B 495 -38.80 4.53 -8.52
S SO4 C . -15.78 19.83 -40.41
O1 SO4 C . -15.20 19.29 -39.19
O2 SO4 C . -16.41 21.12 -40.13
O3 SO4 C . -14.75 20.03 -41.42
O4 SO4 C . -16.77 18.87 -40.90
S SO4 D . 13.56 1.23 -29.77
O1 SO4 D . 12.82 -0.02 -30.01
O2 SO4 D . 14.06 1.23 -28.40
O3 SO4 D . 12.69 2.39 -29.95
O4 SO4 D . 14.67 1.32 -30.71
S SO4 E . 11.78 -4.25 6.38
O1 SO4 E . 13.19 -4.54 6.15
O2 SO4 E . 11.41 -4.66 7.73
O3 SO4 E . 10.96 -4.96 5.40
O4 SO4 E . 11.53 -2.82 6.26
S SO4 F . -4.65 -21.80 -29.00
O1 SO4 F . -3.21 -21.87 -28.75
O2 SO4 F . -5.26 -20.88 -28.03
O3 SO4 F . -4.90 -21.29 -30.35
O4 SO4 F . -5.26 -23.12 -28.85
S SO4 G . -4.45 18.09 -1.69
O1 SO4 G . -4.75 17.07 -0.69
O2 SO4 G . -4.43 19.40 -1.07
O3 SO4 G . -3.15 17.81 -2.30
O4 SO4 G . -5.49 18.07 -2.72
S SO4 H . 20.65 11.19 -11.11
O1 SO4 H . 20.18 10.79 -9.78
O2 SO4 H . 22.11 11.11 -11.16
O3 SO4 H . 20.22 12.56 -11.38
O4 SO4 H . 20.07 10.30 -12.12
S SO4 I . -22.21 -17.34 -31.88
O1 SO4 I . -23.57 -16.90 -31.65
O2 SO4 I . -21.51 -17.48 -30.60
O3 SO4 I . -22.24 -18.65 -32.56
O4 SO4 I . -21.52 -16.37 -32.73
S SO4 J . 4.32 26.10 -16.15
O1 SO4 J . 4.64 24.68 -16.08
O2 SO4 J . 4.69 26.76 -14.89
O3 SO4 J . 2.89 26.28 -16.37
O4 SO4 J . 5.05 26.70 -17.27
S SO4 K . 14.07 18.12 2.49
O1 SO4 K . 13.75 18.31 3.91
O2 SO4 K . 14.68 16.81 2.32
O3 SO4 K . 14.99 19.17 2.02
O4 SO4 K . 12.85 18.22 1.70
S SO4 L . -15.41 4.77 -29.31
O1 SO4 L . -16.56 4.63 -28.40
O2 SO4 L . -14.44 5.73 -28.80
O3 SO4 L . -14.78 3.46 -29.42
O4 SO4 L . -15.83 5.25 -30.62
S SO4 M . -10.83 3.99 -24.39
O1 SO4 M . -11.77 3.65 -23.32
O2 SO4 M . -9.49 4.05 -23.79
O3 SO4 M . -10.90 2.95 -25.42
O4 SO4 M . -11.15 5.28 -24.99
C1 EDO N . -10.78 13.56 -40.11
O1 EDO N . -11.70 14.48 -39.51
C2 EDO N . -9.57 14.28 -40.66
O2 EDO N . -9.07 15.28 -39.76
H11 EDO N . -10.45 12.84 -39.35
H12 EDO N . -11.29 13.02 -40.91
HO1 EDO N . -12.54 14.02 -39.41
H21 EDO N . -8.78 13.57 -40.87
H22 EDO N . -9.85 14.77 -41.60
HO2 EDO N . -8.40 15.79 -40.23
C1 EDO O . -31.18 18.94 -22.44
O1 EDO O . -31.16 20.27 -22.94
C2 EDO O . -32.57 18.34 -22.54
O2 EDO O . -32.47 16.91 -22.54
H11 EDO O . -30.48 18.33 -23.01
H12 EDO O . -30.86 18.95 -21.39
HO1 EDO O . -30.24 20.50 -23.11
H21 EDO O . -33.17 18.65 -21.68
H22 EDO O . -33.05 18.68 -23.45
HO2 EDO O . -33.34 16.57 -22.35
C1 MLT P . 13.05 7.77 5.67
O1 MLT P . 14.17 7.52 6.05
O2 MLT P . 12.03 6.95 5.99
C2 MLT P . 12.78 9.01 4.86
O3 MLT P . 13.24 8.85 3.51
C3 MLT P . 13.53 10.17 5.51
C4 MLT P . 12.70 11.43 5.60
O4 MLT P . 12.99 12.38 6.50
O5 MLT P . 11.78 11.60 4.83
H2 MLT P . 11.71 9.22 4.86
HO3 MLT P . 14.20 9.02 3.39
H31 MLT P . 13.82 9.88 6.53
H32 MLT P . 14.43 10.38 4.94
C1 MLT Q . -14.03 1.71 -24.24
O1 MLT Q . -13.22 1.23 -23.50
O2 MLT Q . -14.44 2.98 -24.02
C2 MLT Q . -14.58 0.88 -25.38
O3 MLT Q . -13.55 0.67 -26.36
C3 MLT Q . -15.78 1.54 -26.08
C4 MLT Q . -16.91 0.53 -26.09
O4 MLT Q . -17.87 0.70 -25.38
O5 MLT Q . -16.83 -0.55 -26.89
H2 MLT Q . -14.90 -0.08 -24.98
HO3 MLT Q . -13.52 1.34 -27.06
H31 MLT Q . -16.08 2.42 -25.53
H32 MLT Q . -15.51 1.80 -27.10
S SO4 R . -21.27 -14.69 13.86
O1 SO4 R . -22.01 -13.65 14.59
O2 SO4 R . -19.88 -14.72 14.31
O3 SO4 R . -21.30 -14.39 12.42
O4 SO4 R . -21.89 -15.99 14.10
S SO4 S . -11.44 -2.03 -8.48
O1 SO4 S . -12.80 -2.39 -8.07
O2 SO4 S . -10.82 -1.28 -7.39
O3 SO4 S . -11.47 -1.19 -9.67
O4 SO4 S . -10.71 -3.26 -8.76
S SO4 T . 21.66 -24.83 24.93
O1 SO4 T . 20.52 -25.10 25.80
O2 SO4 T . 22.25 -23.55 25.30
O3 SO4 T . 21.22 -24.79 23.54
O4 SO4 T . 22.63 -25.91 25.10
S SO4 U . 6.09 18.05 7.61
O1 SO4 U . 5.02 18.79 8.28
O2 SO4 U . 7.01 17.47 8.60
O3 SO4 U . 5.50 16.97 6.81
O4 SO4 U . 6.85 18.95 6.75
S SO4 V . -15.18 -19.90 -5.28
O1 SO4 V . -16.19 -18.89 -4.96
O2 SO4 V . -14.28 -20.12 -4.15
O3 SO4 V . -14.39 -19.45 -6.42
O4 SO4 V . -15.86 -21.16 -5.61
S SO4 W . 8.79 -25.72 33.20
O1 SO4 W . 10.18 -25.86 32.75
O2 SO4 W . 8.75 -25.71 34.66
O3 SO4 W . 8.00 -26.85 32.69
O4 SO4 W . 8.21 -24.48 32.67
S SO4 X . -19.99 6.62 14.23
O1 SO4 X . -19.66 7.86 14.94
O2 SO4 X . -20.23 5.56 15.21
O3 SO4 X . -21.19 6.84 13.43
O4 SO4 X . -18.89 6.26 13.34
S SO4 Y . -30.58 11.03 5.09
O1 SO4 Y . -30.00 11.85 6.15
O2 SO4 Y . -30.97 9.73 5.64
O3 SO4 Y . -31.75 11.69 4.53
O4 SO4 Y . -29.59 10.84 4.02
S SO4 Z . 14.03 -6.15 23.14
O1 SO4 Z . 13.59 -7.34 23.86
O2 SO4 Z . 15.42 -5.86 23.48
O3 SO4 Z . 13.90 -6.38 21.70
O4 SO4 Z . 13.18 -5.01 23.50
S SO4 AA . 14.20 -4.24 28.35
O1 SO4 AA . 13.23 -3.13 28.37
O2 SO4 AA . 14.68 -4.40 29.72
O3 SO4 AA . 15.34 -3.98 27.48
O4 SO4 AA . 13.53 -5.47 27.91
S SO4 BA . 12.83 -10.19 17.58
O1 SO4 BA . 13.13 -11.37 18.39
O2 SO4 BA . 13.30 -8.94 18.21
O3 SO4 BA . 13.51 -10.30 16.29
O4 SO4 BA . 11.37 -10.15 17.42
C1 EDO CA . -32.12 -6.70 -10.58
O1 EDO CA . -32.73 -7.34 -9.44
C2 EDO CA . -30.60 -6.62 -10.38
O2 EDO CA . -29.98 -6.76 -11.67
H11 EDO CA . -32.35 -7.28 -11.46
H12 EDO CA . -32.53 -5.70 -10.68
HO1 EDO CA . -33.68 -7.39 -9.63
H21 EDO CA . -30.35 -5.65 -9.96
H22 EDO CA . -30.28 -7.41 -9.72
HO2 EDO CA . -29.03 -6.88 -11.49
C1 EDO DA . 4.73 -3.94 44.03
O1 EDO DA . 5.10 -3.14 42.90
C2 EDO DA . 3.73 -3.18 44.88
O2 EDO DA . 3.32 -4.02 45.98
H11 EDO DA . 4.28 -4.87 43.68
H12 EDO DA . 5.62 -4.16 44.62
HO1 EDO DA . 5.89 -3.55 42.52
H21 EDO DA . 4.17 -2.27 45.27
H22 EDO DA . 2.85 -2.93 44.29
HO2 EDO DA . 2.43 -3.76 46.22
C1 EDO EA . 32.89 0.21 21.86
O1 EDO EA . 32.13 -0.92 21.43
C2 EDO EA . 33.58 -0.09 23.18
O2 EDO EA . 32.64 -0.67 24.07
H11 EDO EA . 33.65 0.44 21.09
H12 EDO EA . 32.23 1.07 21.97
HO1 EDO EA . 31.68 -0.66 20.61
H21 EDO EA . 34.40 -0.79 23.02
H22 EDO EA . 33.97 0.83 23.61
HO2 EDO EA . 33.10 -0.84 24.90
C1 EDO FA . -39.45 -15.27 -3.55
O1 EDO FA . -40.21 -15.02 -4.74
C2 EDO FA . -39.65 -14.12 -2.56
O2 EDO FA . -38.78 -14.32 -1.44
H11 EDO FA . -39.79 -16.21 -3.10
H12 EDO FA . -38.39 -15.34 -3.81
HO1 EDO FA . -39.76 -15.48 -5.46
H21 EDO FA . -39.43 -13.18 -3.04
H22 EDO FA . -40.68 -14.12 -2.22
HO2 EDO FA . -39.25 -14.04 -0.65
C1 EDO GA . 16.13 -19.84 44.55
C1 EDO GA . 15.97 -19.48 44.40
O1 EDO GA . 17.42 -20.44 44.50
O1 EDO GA . 14.75 -20.07 43.94
C2 EDO GA . 16.02 -18.91 45.76
C2 EDO GA . 15.72 -18.53 45.57
O2 EDO GA . 14.70 -18.98 46.32
O2 EDO GA . 14.33 -18.42 45.84
H11 EDO GA . 15.98 -19.26 43.63
H11 EDO GA . 16.64 -20.28 44.73
H12 EDO GA . 15.37 -20.61 44.61
H12 EDO GA . 16.44 -18.95 43.58
HO1 EDO GA . 17.44 -21.00 43.72
HO1 EDO GA . 14.98 -20.71 43.26
H21 EDO GA . 16.75 -19.20 46.51
H21 EDO GA . 16.23 -18.90 46.45
H22 EDO GA . 16.22 -17.88 45.44
H22 EDO GA . 16.11 -17.54 45.31
HO2 EDO GA . 14.51 -18.11 46.70
HO2 EDO GA . 14.25 -18.09 46.74
C1 EDO HA . -3.04 -19.82 13.54
O1 EDO HA . -3.30 -19.72 12.14
C2 EDO HA . -4.17 -19.18 14.36
O2 EDO HA . -3.63 -18.28 15.33
H11 EDO HA . -2.97 -20.88 13.81
H12 EDO HA . -2.10 -19.33 13.79
HO1 EDO HA . -2.55 -20.14 11.69
H21 EDO HA . -4.83 -18.62 13.69
H22 EDO HA . -4.75 -19.96 14.86
HO2 EDO HA . -4.38 -17.78 15.70
C1 EDO IA . 20.66 -19.85 44.30
O1 EDO IA . 21.05 -20.59 45.47
C2 EDO IA . 19.79 -18.66 44.73
O2 EDO IA . 18.85 -18.37 43.71
H11 EDO IA . 21.54 -19.50 43.79
H12 EDO IA . 20.09 -20.50 43.64
HO1 EDO IA . 21.48 -21.40 45.15
H21 EDO IA . 19.28 -18.89 45.65
H22 EDO IA . 20.44 -17.78 44.88
HO2 EDO IA . 18.50 -17.50 43.88
C1 LMR JA . -13.12 -4.71 27.15
O1A LMR JA . -13.38 -3.99 28.09
O1B LMR JA . -12.91 -4.19 25.93
C2 LMR JA . -13.07 -6.21 27.33
O2 LMR JA . -13.28 -6.57 28.70
C3 LMR JA . -14.20 -6.86 26.53
C4 LMR JA . -14.12 -8.34 26.79
O4A LMR JA . -13.07 -8.90 26.65
O4B LMR JA . -15.21 -9.00 27.17
H2 LMR JA . -12.12 -6.58 26.99
HO2 LMR JA . -14.17 -6.90 28.89
H3 LMR JA . -15.16 -6.47 26.86
H3A LMR JA . -14.06 -6.66 25.47
C1 LMR KA . 4.29 -3.80 15.42
O1A LMR KA . 3.85 -2.77 16.16
O1B LMR KA . 5.23 -4.45 15.80
C2 LMR KA . 3.60 -4.18 14.13
O2 LMR KA . 3.99 -5.49 13.76
C3 LMR KA . 2.08 -4.19 14.28
C4 LMR KA . 1.35 -3.55 13.13
O4A LMR KA . 1.85 -3.50 12.03
O4B LMR KA . 0.12 -3.06 13.34
H2 LMR KA . 3.88 -3.47 13.34
HO2 LMR KA . 4.37 -6.01 14.49
H3 LMR KA . 1.75 -5.21 14.39
H3A LMR KA . 1.82 -3.64 15.20
#